data_5T8P
#
_entry.id   5T8P
#
_cell.length_a   142.850
_cell.length_b   142.850
_cell.length_c   45.260
_cell.angle_alpha   90.00
_cell.angle_beta   90.00
_cell.angle_gamma   90.00
#
_symmetry.space_group_name_H-M   'P 43'
#
loop_
_entity.id
_entity.type
_entity.pdbx_description
1 polymer 'Mitogen-activated protein kinase kinase kinase 14'
2 non-polymer 6,7-dihydrothieno[4,5]oxepino[1,2-~{c}]pyridine-2-carboxamide
3 non-polymer 'SULFATE ION'
4 water water
#
_entity_poly.entity_id   1
_entity_poly.type   'polypeptide(L)'
_entity_poly.pdbx_seq_one_letter_code
;GSALEKVPVEEYLVHALQGSVSSGQAHSLASLAKTWSSGSAKLQRLGPETEDNEGVLLTEKLKPVDYEYREEVHWMTHQP
RVGRGSFGEVHRMKDKQTGFQCAVKKVRLEVFRVEELVACAGLSSPRIVPLYGAVREGPWVNIFMELLEGGSLGQLIKQM
GCLPEDRALYYLGQALEGLEYLHTRRILHGDVKADNVLLSSDGSRAALCDFGHALCLQPDGLGKSLLTGDYIPGTETHMA
PEVVMGKPCDAKVDIWSSCCMMLHMLNGCHPWTQYFRGPLCLKIASEPPPIREIPPSCAPLTAQAIQEGLRKEPVHRASA
MELRRKVGKALQEVGGLKSPWKGEYKEPR
;
_entity_poly.pdbx_strand_id   A,B
#
# COMPACT_ATOMS: atom_id res chain seq x y z
N VAL A 7 -13.27 -12.42 11.56
CA VAL A 7 -13.27 -10.95 11.85
C VAL A 7 -14.29 -10.20 10.96
N PRO A 8 -15.56 -10.08 11.43
CA PRO A 8 -16.57 -9.44 10.59
C PRO A 8 -16.47 -7.92 10.46
N VAL A 9 -15.70 -7.22 11.29
CA VAL A 9 -15.57 -5.76 11.15
C VAL A 9 -14.60 -5.32 9.99
N GLU A 10 -13.82 -6.25 9.46
CA GLU A 10 -13.18 -6.06 8.15
C GLU A 10 -14.23 -5.76 7.06
N GLU A 11 -15.30 -6.57 7.04
CA GLU A 11 -16.41 -6.48 6.07
C GLU A 11 -16.60 -5.07 5.57
N TYR A 12 -16.79 -4.14 6.49
CA TYR A 12 -17.13 -2.76 6.13
C TYR A 12 -16.00 -2.05 5.37
N LEU A 13 -14.77 -2.34 5.77
CA LEU A 13 -13.58 -1.82 5.09
C LEU A 13 -13.41 -2.47 3.75
N VAL A 14 -13.56 -3.79 3.71
CA VAL A 14 -13.38 -4.53 2.46
C VAL A 14 -14.41 -4.11 1.41
N HIS A 15 -15.68 -3.94 1.80
CA HIS A 15 -16.71 -3.42 0.86
C HIS A 15 -16.36 -2.06 0.26
N ALA A 16 -15.79 -1.17 1.07
CA ALA A 16 -15.34 0.13 0.57
C ALA A 16 -14.24 0.01 -0.46
N LEU A 17 -13.39 -0.99 -0.31
CA LEU A 17 -12.32 -1.25 -1.27
C LEU A 17 -12.86 -1.90 -2.56
N GLN A 18 -13.84 -2.79 -2.43
CA GLN A 18 -14.38 -3.52 -3.59
C GLN A 18 -14.95 -2.64 -4.66
N GLY A 19 -14.75 -3.05 -5.91
CA GLY A 19 -15.13 -2.27 -7.08
C GLY A 19 -14.22 -1.10 -7.42
N SER A 20 -13.13 -0.88 -6.67
CA SER A 20 -12.29 0.30 -6.87
C SER A 20 -10.83 -0.02 -6.85
N VAL A 21 -10.05 0.76 -7.59
CA VAL A 21 -8.63 0.83 -7.38
C VAL A 21 -8.32 2.11 -6.59
N SER A 22 -7.68 1.95 -5.42
CA SER A 22 -7.25 3.05 -4.59
C SER A 22 -5.76 2.97 -4.26
N SER A 23 -5.21 4.11 -3.86
CA SER A 23 -3.92 4.18 -3.19
C SER A 23 -4.14 3.90 -1.72
N GLY A 24 -3.33 3.06 -1.13
CA GLY A 24 -3.52 2.72 0.29
C GLY A 24 -2.35 1.95 0.84
N GLN A 25 -2.58 1.31 1.97
CA GLN A 25 -1.50 0.65 2.68
C GLN A 25 -1.58 -0.85 2.44
N ALA A 26 -0.48 -1.50 2.79
CA ALA A 26 -0.29 -2.94 2.61
C ALA A 26 -1.38 -3.80 3.24
N HIS A 27 -1.76 -3.49 4.48
CA HIS A 27 -2.82 -4.21 5.19
C HIS A 27 -4.17 -4.24 4.44
N SER A 28 -4.53 -3.17 3.72
CA SER A 28 -5.77 -3.10 2.93
C SER A 28 -5.70 -3.99 1.72
N LEU A 29 -4.53 -4.01 1.05
CA LEU A 29 -4.34 -4.91 -0.08
C LEU A 29 -4.54 -6.35 0.35
N ALA A 30 -3.98 -6.70 1.50
CA ALA A 30 -4.07 -8.07 2.01
C ALA A 30 -5.50 -8.47 2.27
N SER A 31 -6.28 -7.54 2.81
CA SER A 31 -7.69 -7.82 3.11
C SER A 31 -8.52 -7.94 1.84
N LEU A 32 -8.26 -7.08 0.86
CA LEU A 32 -8.91 -7.20 -0.43
C LEU A 32 -8.58 -8.53 -1.12
N ALA A 33 -7.29 -8.87 -1.15
CA ALA A 33 -6.80 -10.11 -1.78
C ALA A 33 -7.45 -11.40 -1.25
N LYS A 34 -7.85 -11.41 0.02
CA LYS A 34 -8.59 -12.52 0.59
C LYS A 34 -9.94 -12.80 -0.09
N THR A 35 -10.54 -11.80 -0.74
CA THR A 35 -11.77 -11.97 -1.51
C THR A 35 -11.55 -12.45 -2.96
N TRP A 36 -10.29 -12.51 -3.40
CA TRP A 36 -9.92 -13.04 -4.70
C TRP A 36 -9.76 -14.60 -4.69
N SER A 37 -10.31 -15.27 -3.67
CA SER A 37 -10.45 -16.74 -3.54
C SER A 37 -9.12 -17.39 -3.18
N ASP A 52 -15.29 -5.58 -11.58
CA ASP A 52 -14.34 -5.94 -12.64
C ASP A 52 -12.94 -5.42 -12.29
N ASN A 53 -12.80 -4.12 -12.01
CA ASN A 53 -11.51 -3.48 -11.77
C ASN A 53 -11.40 -3.02 -10.32
N GLU A 54 -10.51 -3.64 -9.56
CA GLU A 54 -10.28 -3.26 -8.19
C GLU A 54 -8.87 -3.63 -7.70
N GLY A 55 -8.43 -2.94 -6.65
CA GLY A 55 -7.16 -3.27 -6.03
C GLY A 55 -6.60 -2.12 -5.24
N VAL A 56 -5.36 -2.30 -4.76
CA VAL A 56 -4.69 -1.28 -3.98
C VAL A 56 -3.27 -1.06 -4.54
N LEU A 57 -2.88 0.19 -4.73
CA LEU A 57 -1.52 0.53 -5.13
C LEU A 57 -0.81 1.13 -3.92
N LEU A 58 0.44 0.68 -3.68
CA LEU A 58 1.15 0.95 -2.43
C LEU A 58 2.18 2.06 -2.54
N THR A 59 2.45 2.52 -3.75
CA THR A 59 3.42 3.58 -3.98
C THR A 59 2.81 4.73 -4.78
N GLU A 60 3.32 5.92 -4.50
CA GLU A 60 2.96 7.16 -5.22
C GLU A 60 3.07 7.09 -6.72
N LYS A 61 4.03 6.29 -7.18
CA LYS A 61 4.47 6.30 -8.56
C LYS A 61 3.49 5.52 -9.46
N LEU A 62 2.61 4.70 -8.86
CA LEU A 62 1.47 4.14 -9.58
C LEU A 62 0.18 4.74 -9.04
N LYS A 63 -0.60 5.40 -9.89
CA LYS A 63 -1.77 6.17 -9.47
C LYS A 63 -3.02 5.68 -10.20
N PRO A 64 -4.09 5.36 -9.47
CA PRO A 64 -5.35 5.20 -10.20
C PRO A 64 -5.87 6.53 -10.77
N VAL A 65 -6.78 6.38 -11.72
CA VAL A 65 -7.48 7.49 -12.33
C VAL A 65 -8.95 7.19 -12.24
N ASP A 66 -9.69 8.03 -11.53
CA ASP A 66 -11.12 7.89 -11.33
C ASP A 66 -11.55 6.45 -11.00
N TYR A 67 -10.99 5.94 -9.90
CA TYR A 67 -11.33 4.62 -9.35
C TYR A 67 -10.84 3.43 -10.16
N GLU A 68 -10.00 3.66 -11.17
CA GLU A 68 -9.59 2.60 -12.10
C GLU A 68 -8.09 2.57 -12.35
N TYR A 69 -7.61 1.40 -12.77
CA TYR A 69 -6.23 1.22 -13.19
C TYR A 69 -6.21 0.01 -14.16
N ARG A 70 -6.25 0.30 -15.45
CA ARG A 70 -6.61 -0.62 -16.51
C ARG A 70 -5.48 -0.69 -17.50
N GLU A 71 -5.15 -1.92 -17.90
CA GLU A 71 -4.04 -2.20 -18.81
C GLU A 71 -4.30 -1.53 -20.13
N GLU A 72 -3.24 -0.92 -20.66
CA GLU A 72 -3.23 -0.17 -21.91
C GLU A 72 -4.14 1.06 -21.91
N VAL A 73 -4.59 1.49 -20.72
CA VAL A 73 -5.29 2.75 -20.58
C VAL A 73 -4.53 3.62 -19.60
N HIS A 74 -4.29 3.13 -18.39
CA HIS A 74 -3.56 3.84 -17.33
C HIS A 74 -2.13 3.32 -17.13
N TRP A 75 -1.90 2.06 -17.47
CA TRP A 75 -0.56 1.51 -17.53
C TRP A 75 -0.35 0.69 -18.80
N MET A 76 0.87 0.72 -19.34
CA MET A 76 1.20 0.09 -20.60
C MET A 76 2.47 -0.78 -20.47
N THR A 77 2.41 -1.99 -21.04
CA THR A 77 3.59 -2.86 -21.10
C THR A 77 4.49 -2.39 -22.23
N HIS A 78 5.78 -2.64 -22.08
CA HIS A 78 6.79 -2.26 -23.06
C HIS A 78 6.43 -2.81 -24.45
N GLN A 79 6.67 -1.99 -25.48
CA GLN A 79 6.02 -2.12 -26.81
C GLN A 79 6.27 -3.46 -27.55
N PRO A 80 7.56 -3.83 -27.78
CA PRO A 80 7.77 -5.23 -28.13
C PRO A 80 7.66 -6.07 -26.84
N ARG A 81 6.50 -6.71 -26.65
CA ARG A 81 6.18 -7.52 -25.48
C ARG A 81 6.84 -8.92 -25.53
N VAL A 82 7.89 -9.14 -24.73
CA VAL A 82 8.71 -10.38 -24.78
C VAL A 82 8.38 -11.40 -23.65
N GLY A 83 8.32 -10.92 -22.40
CA GLY A 83 7.98 -11.74 -21.22
C GLY A 83 9.14 -12.48 -20.56
N ARG A 84 9.25 -12.35 -19.24
CA ARG A 84 10.16 -13.17 -18.43
C ARG A 84 9.35 -13.99 -17.46
N GLY A 85 10.01 -14.83 -16.70
CA GLY A 85 9.36 -15.79 -15.79
C GLY A 85 9.05 -17.07 -16.54
N SER A 86 8.70 -18.11 -15.80
CA SER A 86 8.40 -19.42 -16.37
C SER A 86 7.28 -19.45 -17.39
N PHE A 87 6.26 -18.62 -17.19
CA PHE A 87 5.09 -18.58 -18.07
C PHE A 87 5.07 -17.36 -18.97
N GLY A 88 6.21 -16.66 -19.06
CA GLY A 88 6.30 -15.35 -19.74
C GLY A 88 5.26 -14.36 -19.25
N GLU A 89 5.02 -14.39 -17.95
CA GLU A 89 3.94 -13.68 -17.32
C GLU A 89 4.41 -12.41 -16.65
N VAL A 90 5.72 -12.15 -16.65
CA VAL A 90 6.29 -10.96 -16.03
C VAL A 90 6.73 -9.98 -17.10
N HIS A 91 6.31 -8.72 -16.97
CA HIS A 91 6.59 -7.69 -17.98
C HIS A 91 7.10 -6.39 -17.35
N ARG A 92 7.90 -5.66 -18.12
CA ARG A 92 8.26 -4.29 -17.80
C ARG A 92 7.03 -3.46 -18.16
N MET A 93 6.72 -2.45 -17.35
CA MET A 93 5.55 -1.59 -17.61
C MET A 93 5.82 -0.13 -17.22
N LYS A 94 4.92 0.74 -17.63
CA LYS A 94 5.04 2.14 -17.37
C LYS A 94 3.66 2.66 -17.00
N ASP A 95 3.58 3.36 -15.87
CA ASP A 95 2.42 4.21 -15.55
C ASP A 95 2.38 5.39 -16.49
N LYS A 96 1.25 5.58 -17.17
CA LYS A 96 1.11 6.67 -18.14
C LYS A 96 1.11 8.07 -17.58
N GLN A 97 0.61 8.24 -16.35
CA GLN A 97 0.47 9.55 -15.74
C GLN A 97 1.83 9.99 -15.19
N THR A 98 2.47 9.10 -14.45
CA THR A 98 3.74 9.41 -13.77
C THR A 98 5.01 9.17 -14.59
N GLY A 99 4.94 8.28 -15.58
CA GLY A 99 6.14 7.82 -16.29
C GLY A 99 7.03 6.77 -15.62
N PHE A 100 6.74 6.40 -14.36
CA PHE A 100 7.54 5.46 -13.56
CA PHE A 100 7.65 5.51 -13.66
C PHE A 100 7.47 4.06 -14.18
N GLN A 101 8.62 3.39 -14.31
CA GLN A 101 8.69 2.04 -14.82
C GLN A 101 8.76 1.06 -13.68
N CYS A 102 8.04 -0.04 -13.82
CA CYS A 102 8.22 -1.16 -12.92
C CYS A 102 7.83 -2.48 -13.58
N ALA A 103 7.76 -3.54 -12.78
CA ALA A 103 7.42 -4.84 -13.29
C ALA A 103 6.01 -5.23 -12.86
N VAL A 104 5.35 -6.00 -13.71
CA VAL A 104 4.03 -6.54 -13.42
C VAL A 104 4.06 -8.05 -13.66
N LYS A 105 3.57 -8.82 -12.69
CA LYS A 105 3.38 -10.26 -12.87
C LYS A 105 1.89 -10.53 -13.03
N LYS A 106 1.50 -11.09 -14.17
CA LYS A 106 0.14 -11.51 -14.42
C LYS A 106 -0.12 -12.91 -13.90
N VAL A 107 -1.19 -13.05 -13.16
CA VAL A 107 -1.66 -14.31 -12.58
C VAL A 107 -3.11 -14.51 -12.97
N ARG A 108 -3.46 -15.69 -13.41
CA ARG A 108 -4.85 -16.01 -13.72
C ARG A 108 -5.66 -16.03 -12.43
N LEU A 109 -6.72 -15.22 -12.38
CA LEU A 109 -7.68 -15.19 -11.27
C LEU A 109 -8.12 -16.57 -10.75
N GLU A 110 -8.47 -17.50 -11.63
CA GLU A 110 -8.98 -18.81 -11.20
C GLU A 110 -7.94 -19.68 -10.50
N VAL A 111 -6.68 -19.31 -10.62
CA VAL A 111 -5.60 -20.05 -9.99
C VAL A 111 -4.92 -19.22 -8.87
N PHE A 112 -5.37 -17.99 -8.66
CA PHE A 112 -4.73 -17.08 -7.72
C PHE A 112 -4.82 -17.64 -6.29
N ARG A 113 -3.69 -17.68 -5.61
CA ARG A 113 -3.65 -18.08 -4.21
C ARG A 113 -3.49 -16.85 -3.36
N VAL A 114 -4.40 -16.71 -2.41
CA VAL A 114 -4.46 -15.60 -1.46
C VAL A 114 -3.08 -15.31 -0.83
N GLU A 115 -2.36 -16.37 -0.45
CA GLU A 115 -1.06 -16.25 0.19
C GLU A 115 -0.05 -15.48 -0.63
N GLU A 116 -0.18 -15.48 -1.96
CA GLU A 116 0.75 -14.71 -2.77
C GLU A 116 0.83 -13.24 -2.39
N LEU A 117 -0.30 -12.66 -1.96
CA LEU A 117 -0.35 -11.29 -1.43
C LEU A 117 -0.39 -11.20 0.12
N VAL A 118 -1.09 -12.10 0.80
CA VAL A 118 -1.15 -12.08 2.28
C VAL A 118 0.19 -12.35 2.97
N ALA A 119 1.04 -13.16 2.32
CA ALA A 119 2.36 -13.46 2.86
C ALA A 119 3.36 -12.33 2.67
N CYS A 120 3.31 -11.61 1.55
CA CYS A 120 4.34 -10.58 1.30
C CYS A 120 3.92 -9.13 1.55
N ALA A 121 2.63 -8.84 1.61
CA ALA A 121 2.17 -7.45 1.88
C ALA A 121 2.60 -6.99 3.27
N GLY A 122 3.33 -5.88 3.35
CA GLY A 122 3.85 -5.34 4.63
C GLY A 122 5.23 -5.83 5.05
N LEU A 123 5.86 -6.70 4.26
CA LEU A 123 7.24 -7.08 4.50
C LEU A 123 8.14 -5.94 4.10
N SER A 124 9.24 -5.79 4.82
CA SER A 124 10.19 -4.73 4.55
C SER A 124 11.61 -5.25 4.84
N SER A 125 12.29 -5.67 3.79
CA SER A 125 13.65 -6.15 3.87
C SER A 125 14.35 -5.90 2.54
N PRO A 126 15.64 -5.48 2.54
CA PRO A 126 16.34 -5.37 1.25
C PRO A 126 16.59 -6.72 0.54
N ARG A 127 16.42 -7.84 1.23
CA ARG A 127 16.49 -9.18 0.62
C ARG A 127 15.17 -9.67 0.02
N ILE A 128 14.15 -8.82 0.00
CA ILE A 128 12.86 -9.15 -0.56
C ILE A 128 12.39 -8.03 -1.49
N VAL A 129 12.04 -8.42 -2.72
CA VAL A 129 11.61 -7.48 -3.74
C VAL A 129 10.37 -6.71 -3.23
N PRO A 130 10.42 -5.37 -3.29
CA PRO A 130 9.28 -4.56 -2.82
C PRO A 130 8.01 -4.74 -3.65
N LEU A 131 6.89 -4.93 -2.95
CA LEU A 131 5.58 -5.02 -3.57
C LEU A 131 5.03 -3.58 -3.78
N TYR A 132 4.59 -3.30 -4.99
CA TYR A 132 4.05 -1.97 -5.31
C TYR A 132 2.55 -1.89 -5.39
N GLY A 133 1.86 -3.03 -5.36
CA GLY A 133 0.41 -3.05 -5.37
C GLY A 133 -0.10 -4.24 -6.15
N ALA A 134 -1.41 -4.43 -6.13
CA ALA A 134 -2.04 -5.43 -6.99
C ALA A 134 -3.40 -4.98 -7.42
N VAL A 135 -3.74 -5.27 -8.67
CA VAL A 135 -4.99 -4.85 -9.26
C VAL A 135 -5.59 -6.03 -10.01
N ARG A 136 -6.83 -6.35 -9.67
CA ARG A 136 -7.63 -7.30 -10.44
C ARG A 136 -8.31 -6.62 -11.61
N GLU A 137 -8.29 -7.27 -12.76
CA GLU A 137 -8.93 -6.74 -13.96
C GLU A 137 -9.42 -7.92 -14.78
N GLY A 138 -10.72 -8.16 -14.72
CA GLY A 138 -11.32 -9.26 -15.45
C GLY A 138 -10.78 -10.57 -14.92
N PRO A 139 -10.23 -11.40 -15.80
CA PRO A 139 -9.67 -12.69 -15.36
C PRO A 139 -8.20 -12.66 -14.89
N TRP A 140 -7.64 -11.46 -14.71
CA TRP A 140 -6.24 -11.30 -14.30
C TRP A 140 -6.07 -10.65 -12.94
N VAL A 141 -5.13 -11.14 -12.16
CA VAL A 141 -4.59 -10.38 -11.04
C VAL A 141 -3.19 -9.86 -11.45
N ASN A 142 -3.04 -8.54 -11.50
CA ASN A 142 -1.77 -7.90 -11.87
C ASN A 142 -1.03 -7.42 -10.64
N ILE A 143 0.12 -8.04 -10.37
CA ILE A 143 0.93 -7.77 -9.22
C ILE A 143 2.12 -6.91 -9.64
N PHE A 144 2.18 -5.70 -9.10
CA PHE A 144 3.19 -4.73 -9.46
C PHE A 144 4.30 -4.79 -8.45
N MET A 145 5.52 -4.62 -8.92
CA MET A 145 6.70 -4.66 -8.06
C MET A 145 7.88 -3.93 -8.67
N GLU A 146 8.92 -3.74 -7.87
CA GLU A 146 10.14 -3.10 -8.32
C GLU A 146 10.78 -3.84 -9.49
N LEU A 147 11.18 -3.09 -10.52
CA LEU A 147 11.91 -3.64 -11.66
C LEU A 147 13.41 -3.62 -11.31
N LEU A 148 14.00 -4.80 -11.18
CA LEU A 148 15.42 -4.89 -10.81
C LEU A 148 16.17 -5.08 -12.08
N GLU A 149 16.95 -4.06 -12.42
CA GLU A 149 17.56 -3.92 -13.73
C GLU A 149 18.74 -4.87 -13.98
N GLY A 150 19.24 -5.52 -12.94
CA GLY A 150 20.22 -6.57 -13.13
C GLY A 150 19.67 -7.86 -13.68
N GLY A 151 18.35 -8.04 -13.65
CA GLY A 151 17.71 -9.27 -14.13
C GLY A 151 17.73 -10.33 -13.06
N SER A 152 17.34 -11.54 -13.42
CA SER A 152 17.27 -12.63 -12.45
C SER A 152 18.57 -13.39 -12.44
N LEU A 153 18.78 -14.08 -11.34
CA LEU A 153 19.88 -14.99 -11.19
C LEU A 153 19.82 -16.13 -12.19
N GLY A 154 18.61 -16.52 -12.59
CA GLY A 154 18.44 -17.52 -13.66
C GLY A 154 18.95 -17.07 -15.02
N GLN A 155 18.62 -15.83 -15.37
CA GLN A 155 19.14 -15.22 -16.58
C GLN A 155 20.68 -15.11 -16.53
N LEU A 156 21.23 -14.81 -15.36
CA LEU A 156 22.67 -14.67 -15.23
C LEU A 156 23.41 -15.99 -15.48
N ILE A 157 22.91 -17.07 -14.89
CA ILE A 157 23.50 -18.40 -15.08
C ILE A 157 23.48 -18.77 -16.55
N LYS A 158 22.34 -18.56 -17.18
CA LYS A 158 22.19 -18.79 -18.60
C LYS A 158 23.22 -17.96 -19.39
N GLN A 159 23.34 -16.67 -19.06
CA GLN A 159 24.24 -15.76 -19.78
C GLN A 159 25.74 -16.06 -19.60
N MET A 160 26.12 -16.55 -18.42
CA MET A 160 27.52 -16.76 -18.07
C MET A 160 27.94 -18.23 -18.07
N GLY A 161 26.98 -19.14 -18.29
CA GLY A 161 27.23 -20.58 -18.28
C GLY A 161 27.08 -21.17 -16.89
N CYS A 162 27.97 -20.74 -15.99
CA CYS A 162 27.87 -21.03 -14.57
C CYS A 162 28.65 -19.97 -13.80
N LEU A 163 28.43 -19.88 -12.50
CA LEU A 163 29.01 -18.81 -11.72
C LEU A 163 30.20 -19.31 -10.98
N PRO A 164 31.24 -18.46 -10.85
CA PRO A 164 32.35 -18.87 -9.98
C PRO A 164 31.87 -19.00 -8.53
N GLU A 165 32.62 -19.76 -7.76
CA GLU A 165 32.27 -20.13 -6.38
C GLU A 165 31.99 -18.95 -5.44
N ASP A 166 32.83 -17.92 -5.51
CA ASP A 166 32.69 -16.77 -4.61
C ASP A 166 31.38 -15.99 -4.87
N ARG A 167 31.03 -15.85 -6.14
CA ARG A 167 29.77 -15.19 -6.54
C ARG A 167 28.55 -16.08 -6.16
N ALA A 168 28.65 -17.38 -6.35
CA ALA A 168 27.60 -18.31 -5.94
C ALA A 168 27.33 -18.21 -4.44
N LEU A 169 28.39 -18.18 -3.65
CA LEU A 169 28.27 -18.08 -2.18
C LEU A 169 27.65 -16.80 -1.74
N TYR A 170 28.12 -15.70 -2.35
CA TYR A 170 27.61 -14.37 -2.10
C TYR A 170 26.10 -14.29 -2.29
N TYR A 171 25.61 -14.82 -3.40
CA TYR A 171 24.18 -14.81 -3.68
C TYR A 171 23.39 -15.79 -2.83
N LEU A 172 23.91 -16.98 -2.56
CA LEU A 172 23.25 -17.90 -1.64
C LEU A 172 23.14 -17.27 -0.25
N GLY A 173 24.20 -16.54 0.16
CA GLY A 173 24.25 -15.85 1.40
C GLY A 173 23.08 -14.89 1.51
N GLN A 174 22.89 -14.07 0.48
CA GLN A 174 21.80 -13.08 0.47
C GLN A 174 20.41 -13.71 0.43
N ALA A 175 20.25 -14.79 -0.31
CA ALA A 175 18.98 -15.51 -0.39
C ALA A 175 18.63 -16.06 0.98
N LEU A 176 19.64 -16.60 1.65
CA LEU A 176 19.48 -17.12 3.01
C LEU A 176 19.12 -16.05 4.03
N GLU A 177 19.67 -14.85 3.87
CA GLU A 177 19.24 -13.72 4.70
C GLU A 177 17.78 -13.38 4.47
N GLY A 178 17.34 -13.43 3.22
CA GLY A 178 15.95 -13.27 2.89
C GLY A 178 15.09 -14.36 3.57
N LEU A 179 15.55 -15.60 3.54
CA LEU A 179 14.81 -16.70 4.14
C LEU A 179 14.77 -16.64 5.65
N GLU A 180 15.84 -16.16 6.29
CA GLU A 180 15.80 -15.89 7.73
C GLU A 180 14.69 -14.94 8.09
N TYR A 181 14.63 -13.84 7.35
CA TYR A 181 13.57 -12.86 7.52
C TYR A 181 12.13 -13.48 7.39
N LEU A 182 11.90 -14.26 6.34
CA LEU A 182 10.61 -14.96 6.14
C LEU A 182 10.31 -16.01 7.22
N HIS A 183 11.28 -16.86 7.53
CA HIS A 183 11.07 -17.96 8.48
C HIS A 183 10.79 -17.48 9.88
N THR A 184 11.50 -16.44 10.28
CA THR A 184 11.26 -15.75 11.56
C THR A 184 9.80 -15.29 11.66
N ARG A 185 9.23 -14.87 10.53
CA ARG A 185 7.82 -14.47 10.44
C ARG A 185 6.87 -15.61 10.04
N ARG A 186 7.32 -16.86 10.13
CA ARG A 186 6.50 -18.04 9.83
C ARG A 186 5.97 -18.08 8.37
N ILE A 187 6.83 -17.62 7.45
CA ILE A 187 6.51 -17.67 6.03
C ILE A 187 7.50 -18.59 5.35
N LEU A 188 6.95 -19.59 4.67
CA LEU A 188 7.68 -20.49 3.78
C LEU A 188 7.59 -19.91 2.37
N HIS A 189 8.73 -19.74 1.70
CA HIS A 189 8.71 -19.17 0.34
C HIS A 189 8.12 -20.18 -0.66
N GLY A 190 8.61 -21.41 -0.64
CA GLY A 190 8.04 -22.54 -1.41
C GLY A 190 8.51 -22.82 -2.83
N ASP A 191 9.26 -21.87 -3.41
CA ASP A 191 9.90 -22.07 -4.73
C ASP A 191 11.20 -21.26 -4.84
N VAL A 192 12.12 -21.53 -3.92
CA VAL A 192 13.41 -20.90 -3.96
C VAL A 192 14.22 -21.47 -5.12
N LYS A 193 14.56 -20.59 -6.04
CA LYS A 193 15.38 -20.94 -7.18
C LYS A 193 15.98 -19.69 -7.83
N ALA A 194 16.99 -19.90 -8.69
CA ALA A 194 17.72 -18.83 -9.38
C ALA A 194 16.77 -17.84 -10.06
N ASP A 195 15.78 -18.35 -10.81
CA ASP A 195 14.74 -17.52 -11.46
C ASP A 195 13.97 -16.57 -10.53
N ASN A 196 13.88 -16.89 -9.24
CA ASN A 196 13.18 -16.08 -8.26
C ASN A 196 14.08 -15.21 -7.38
N VAL A 197 15.35 -15.07 -7.78
CA VAL A 197 16.29 -14.17 -7.12
C VAL A 197 16.60 -13.09 -8.16
N LEU A 198 16.33 -11.84 -7.82
CA LEU A 198 16.54 -10.74 -8.75
C LEU A 198 17.72 -9.92 -8.29
N LEU A 199 18.38 -9.28 -9.25
CA LEU A 199 19.65 -8.59 -9.04
C LEU A 199 19.58 -7.13 -9.39
N SER A 200 20.16 -6.29 -8.54
CA SER A 200 20.40 -4.87 -8.89
C SER A 200 21.29 -4.74 -10.14
N SER A 201 21.30 -3.56 -10.76
CA SER A 201 22.07 -3.35 -12.02
C SER A 201 23.57 -3.61 -11.93
N ASP A 202 24.17 -3.47 -10.75
CA ASP A 202 25.59 -3.77 -10.57
C ASP A 202 25.85 -5.17 -10.03
N GLY A 203 24.79 -5.96 -9.83
CA GLY A 203 24.94 -7.33 -9.33
C GLY A 203 25.23 -7.48 -7.87
N SER A 204 25.30 -6.38 -7.12
CA SER A 204 25.71 -6.48 -5.71
C SER A 204 24.56 -6.82 -4.74
N ARG A 205 23.32 -6.55 -5.11
CA ARG A 205 22.17 -6.84 -4.23
C ARG A 205 21.25 -7.84 -4.91
N ALA A 206 20.94 -8.90 -4.19
CA ALA A 206 20.03 -9.93 -4.63
C ALA A 206 18.80 -9.90 -3.73
N ALA A 207 17.63 -10.18 -4.29
CA ALA A 207 16.43 -10.23 -3.49
C ALA A 207 15.45 -11.28 -3.97
N LEU A 208 14.72 -11.85 -3.03
CA LEU A 208 13.70 -12.87 -3.34
C LEU A 208 12.44 -12.24 -3.90
N CYS A 209 11.89 -12.86 -4.95
CA CYS A 209 10.61 -12.48 -5.50
C CYS A 209 9.74 -13.74 -5.67
N ASP A 210 8.50 -13.51 -6.08
CA ASP A 210 7.51 -14.54 -6.43
C ASP A 210 7.05 -15.32 -5.22
N PHE A 211 5.94 -14.90 -4.64
CA PHE A 211 5.37 -15.61 -3.50
C PHE A 211 4.18 -16.48 -3.87
N GLY A 212 4.10 -16.89 -5.14
CA GLY A 212 2.99 -17.72 -5.66
C GLY A 212 2.84 -19.06 -4.93
N HIS A 213 3.93 -19.57 -4.38
CA HIS A 213 3.92 -20.85 -3.67
C HIS A 213 4.07 -20.68 -2.17
N ALA A 214 3.97 -19.46 -1.66
CA ALA A 214 4.28 -19.21 -0.26
C ALA A 214 3.23 -19.83 0.65
N LEU A 215 3.62 -20.13 1.87
CA LEU A 215 2.71 -20.70 2.85
C LEU A 215 2.97 -20.09 4.22
N CYS A 216 1.88 -19.75 4.89
CA CYS A 216 1.90 -19.22 6.25
C CYS A 216 1.89 -20.39 7.21
N LEU A 217 2.96 -20.52 7.99
CA LEU A 217 3.12 -21.64 8.93
C LEU A 217 2.53 -21.31 10.28
N GLN A 218 2.19 -22.36 11.02
CA GLN A 218 1.48 -22.23 12.30
C GLN A 218 2.41 -21.72 13.39
N PRO A 219 1.84 -21.21 14.53
CA PRO A 219 2.70 -20.80 15.66
C PRO A 219 3.74 -21.86 16.06
N ASP A 220 3.29 -23.09 16.22
CA ASP A 220 4.18 -24.17 16.59
C ASP A 220 5.46 -24.04 15.81
N GLY A 221 5.35 -23.95 14.50
CA GLY A 221 6.50 -23.81 13.63
C GLY A 221 6.38 -24.68 12.41
N LEU A 222 6.14 -25.96 12.60
CA LEU A 222 6.01 -26.86 11.48
C LEU A 222 4.56 -26.96 11.08
N SER A 225 2.53 -30.12 5.40
CA SER A 225 1.54 -30.94 4.71
C SER A 225 1.64 -30.81 3.19
N LEU A 226 1.74 -29.55 2.76
CA LEU A 226 1.76 -29.11 1.34
C LEU A 226 0.69 -29.74 0.44
N LEU A 227 0.88 -30.98 0.01
CA LEU A 227 0.14 -31.48 -1.18
C LEU A 227 -1.31 -31.86 -0.87
N THR A 228 -2.10 -30.80 -0.64
CA THR A 228 -3.52 -30.83 -0.29
C THR A 228 -4.11 -29.47 -0.67
N GLY A 229 -5.43 -29.38 -0.72
CA GLY A 229 -6.15 -28.12 -0.93
C GLY A 229 -5.67 -27.27 -2.11
N ASP A 230 -5.67 -25.94 -1.93
CA ASP A 230 -5.37 -24.99 -3.03
C ASP A 230 -3.87 -24.82 -3.37
N TYR A 231 -3.02 -25.76 -2.96
CA TYR A 231 -1.57 -25.57 -3.10
C TYR A 231 -1.02 -25.86 -4.53
N ILE A 232 0.03 -25.13 -4.91
CA ILE A 232 0.68 -25.26 -6.20
C ILE A 232 2.16 -25.56 -5.88
N PRO A 233 2.65 -26.76 -6.25
CA PRO A 233 4.03 -27.18 -5.96
C PRO A 233 5.13 -26.36 -6.64
N GLY A 234 6.29 -26.31 -6.03
CA GLY A 234 7.46 -25.61 -6.60
C GLY A 234 8.08 -26.33 -7.78
N THR A 235 9.30 -25.95 -8.11
CA THR A 235 10.04 -26.55 -9.22
C THR A 235 10.53 -27.91 -8.79
N GLU A 236 10.30 -28.91 -9.63
CA GLU A 236 10.46 -30.31 -9.26
C GLU A 236 11.90 -30.70 -8.97
N THR A 237 12.84 -30.19 -9.76
CA THR A 237 14.24 -30.50 -9.49
C THR A 237 14.71 -29.96 -8.15
N HIS A 238 14.01 -28.97 -7.60
CA HIS A 238 14.41 -28.35 -6.32
C HIS A 238 13.55 -28.82 -5.13
N MET A 239 12.66 -29.80 -5.31
CA MET A 239 11.79 -30.26 -4.22
C MET A 239 12.52 -31.12 -3.20
N ALA A 240 12.36 -30.80 -1.93
CA ALA A 240 12.94 -31.59 -0.85
C ALA A 240 12.21 -32.97 -0.76
N PRO A 241 12.90 -33.98 -0.20
CA PRO A 241 12.34 -35.33 -0.17
C PRO A 241 10.99 -35.45 0.56
N GLU A 242 10.86 -34.73 1.66
CA GLU A 242 9.60 -34.67 2.42
C GLU A 242 8.40 -34.03 1.66
N VAL A 243 8.67 -33.07 0.76
CA VAL A 243 7.61 -32.55 -0.11
C VAL A 243 7.08 -33.68 -0.98
N VAL A 244 8.02 -34.34 -1.63
CA VAL A 244 7.79 -35.37 -2.62
C VAL A 244 7.21 -36.65 -1.97
N MET A 245 7.50 -36.86 -0.69
CA MET A 245 6.94 -38.02 0.04
C MET A 245 5.57 -37.76 0.67
N GLY A 246 5.03 -36.56 0.47
CA GLY A 246 3.75 -36.16 1.06
C GLY A 246 3.79 -35.90 2.56
N LYS A 247 4.98 -35.75 3.13
CA LYS A 247 5.10 -35.58 4.57
C LYS A 247 4.87 -34.13 4.97
N PRO A 248 4.66 -33.88 6.30
CA PRO A 248 4.56 -32.50 6.79
C PRO A 248 5.78 -31.63 6.44
N CYS A 249 5.55 -30.37 6.15
CA CYS A 249 6.57 -29.48 5.58
C CYS A 249 6.71 -28.28 6.44
N ASP A 250 7.95 -27.83 6.59
CA ASP A 250 8.21 -26.63 7.33
C ASP A 250 9.24 -25.80 6.57
N ALA A 251 9.83 -24.82 7.25
CA ALA A 251 10.74 -23.90 6.62
C ALA A 251 11.99 -24.55 6.03
N LYS A 252 12.34 -25.76 6.50
CA LYS A 252 13.49 -26.49 5.96
C LYS A 252 13.35 -26.83 4.49
N VAL A 253 12.14 -26.92 3.99
CA VAL A 253 11.93 -27.12 2.54
C VAL A 253 12.69 -26.06 1.70
N ASP A 254 12.66 -24.79 2.15
CA ASP A 254 13.35 -23.70 1.47
C ASP A 254 14.84 -23.88 1.45
N ILE A 255 15.39 -24.49 2.50
CA ILE A 255 16.85 -24.67 2.64
C ILE A 255 17.39 -25.72 1.64
N TRP A 256 16.73 -26.86 1.58
CA TRP A 256 16.97 -27.84 0.51
C TRP A 256 16.99 -27.16 -0.84
N SER A 257 15.92 -26.42 -1.08
CA SER A 257 15.70 -25.78 -2.34
C SER A 257 16.80 -24.73 -2.69
N SER A 258 17.24 -23.97 -1.70
CA SER A 258 18.32 -23.01 -1.92
C SER A 258 19.65 -23.71 -2.23
N CYS A 259 19.87 -24.92 -1.66
CA CYS A 259 21.07 -25.68 -1.99
C CYS A 259 21.00 -26.33 -3.38
N CYS A 260 19.81 -26.68 -3.86
CA CYS A 260 19.68 -27.07 -5.26
C CYS A 260 20.00 -25.87 -6.17
N MET A 261 19.59 -24.67 -5.77
CA MET A 261 19.96 -23.45 -6.49
C MET A 261 21.48 -23.25 -6.54
N MET A 262 22.15 -23.51 -5.43
CA MET A 262 23.60 -23.38 -5.36
C MET A 262 24.27 -24.29 -6.40
N LEU A 263 23.81 -25.54 -6.49
CA LEU A 263 24.33 -26.51 -7.44
C LEU A 263 24.10 -26.04 -8.86
N HIS A 264 22.93 -25.46 -9.12
CA HIS A 264 22.60 -24.87 -10.40
C HIS A 264 23.56 -23.74 -10.73
N MET A 265 23.87 -22.89 -9.77
CA MET A 265 24.84 -21.81 -9.98
C MET A 265 26.24 -22.34 -10.34
N LEU A 266 26.69 -23.32 -9.57
CA LEU A 266 28.05 -23.86 -9.75
C LEU A 266 28.20 -24.68 -11.00
N ASN A 267 27.21 -25.50 -11.33
CA ASN A 267 27.28 -26.42 -12.45
C ASN A 267 26.69 -25.92 -13.76
N GLY A 268 25.82 -24.91 -13.68
CA GLY A 268 25.09 -24.42 -14.85
C GLY A 268 23.91 -25.27 -15.27
N CYS A 269 23.49 -26.24 -14.45
CA CYS A 269 22.29 -27.02 -14.70
C CYS A 269 21.65 -27.46 -13.41
N HIS A 270 20.36 -27.76 -13.45
CA HIS A 270 19.67 -28.21 -12.25
C HIS A 270 20.25 -29.57 -11.81
N PRO A 271 20.15 -29.87 -10.52
CA PRO A 271 20.39 -31.25 -10.10
C PRO A 271 19.35 -32.19 -10.68
N TRP A 272 19.68 -33.48 -10.70
CA TRP A 272 18.81 -34.54 -11.22
C TRP A 272 18.56 -34.45 -12.72
N THR A 273 19.31 -33.64 -13.45
CA THR A 273 19.10 -33.58 -14.87
C THR A 273 20.16 -34.46 -15.47
N GLN A 274 19.72 -35.28 -16.40
CA GLN A 274 20.44 -36.46 -16.93
C GLN A 274 19.31 -37.37 -17.42
N TYR A 275 19.59 -38.18 -18.44
CA TYR A 275 18.54 -38.96 -19.08
C TYR A 275 18.01 -40.10 -18.18
N PHE A 276 16.68 -40.18 -18.13
CA PHE A 276 15.94 -41.33 -17.58
C PHE A 276 14.50 -41.16 -18.02
N ARG A 277 13.80 -42.25 -18.29
CA ARG A 277 12.36 -42.20 -18.47
C ARG A 277 11.72 -42.50 -17.12
N GLY A 278 10.42 -42.23 -17.00
CA GLY A 278 9.74 -42.30 -15.71
C GLY A 278 10.02 -41.11 -14.77
N PRO A 279 9.18 -40.98 -13.73
CA PRO A 279 9.10 -39.77 -12.90
C PRO A 279 10.31 -39.46 -12.00
N LEU A 280 10.67 -38.19 -11.98
CA LEU A 280 11.78 -37.68 -11.22
C LEU A 280 11.51 -37.61 -9.70
N CYS A 281 10.24 -37.46 -9.35
CA CYS A 281 9.81 -37.40 -7.96
C CYS A 281 10.11 -38.72 -7.21
N LEU A 282 10.04 -39.85 -7.90
CA LEU A 282 10.47 -41.13 -7.31
C LEU A 282 11.97 -41.14 -6.96
N LYS A 283 12.82 -40.64 -7.85
CA LYS A 283 14.27 -40.60 -7.60
C LYS A 283 14.66 -39.69 -6.43
N ILE A 284 14.02 -38.53 -6.31
CA ILE A 284 14.27 -37.67 -5.17
C ILE A 284 13.88 -38.36 -3.87
N ALA A 285 12.79 -39.11 -3.86
CA ALA A 285 12.43 -39.88 -2.68
C ALA A 285 13.53 -40.91 -2.34
N SER A 286 13.93 -41.70 -3.34
CA SER A 286 14.64 -42.98 -3.11
C SER A 286 16.16 -42.90 -3.18
N GLU A 287 16.70 -41.98 -3.99
CA GLU A 287 18.15 -41.87 -4.17
C GLU A 287 18.75 -41.08 -3.03
N PRO A 288 20.08 -41.19 -2.84
CA PRO A 288 20.72 -40.29 -1.88
C PRO A 288 20.65 -38.84 -2.32
N PRO A 289 20.86 -37.89 -1.40
CA PRO A 289 20.82 -36.49 -1.85
C PRO A 289 21.90 -36.20 -2.91
N PRO A 290 21.65 -35.23 -3.79
CA PRO A 290 22.51 -34.99 -4.94
C PRO A 290 23.88 -34.34 -4.63
N ILE A 291 24.49 -34.73 -3.52
CA ILE A 291 25.77 -34.18 -3.09
C ILE A 291 26.95 -34.55 -4.00
N ARG A 292 26.81 -35.59 -4.82
CA ARG A 292 27.83 -35.94 -5.82
C ARG A 292 27.96 -34.90 -6.93
N GLU A 293 26.98 -34.02 -7.07
CA GLU A 293 27.04 -32.94 -8.07
C GLU A 293 27.84 -31.74 -7.58
N ILE A 294 28.30 -31.76 -6.33
CA ILE A 294 29.13 -30.70 -5.79
C ILE A 294 30.45 -30.77 -6.54
N PRO A 295 30.85 -29.68 -7.20
CA PRO A 295 32.09 -29.79 -7.97
C PRO A 295 33.25 -30.13 -7.05
N PRO A 296 34.13 -31.06 -7.46
CA PRO A 296 35.30 -31.42 -6.66
C PRO A 296 36.24 -30.26 -6.30
N SER A 297 36.30 -29.23 -7.14
CA SER A 297 37.17 -28.06 -6.92
C SER A 297 36.65 -27.02 -5.92
N CYS A 298 35.42 -27.14 -5.45
CA CYS A 298 34.94 -26.28 -4.37
C CYS A 298 35.76 -26.38 -3.09
N ALA A 299 35.88 -25.27 -2.37
CA ALA A 299 36.60 -25.28 -1.09
C ALA A 299 35.83 -26.12 -0.06
N PRO A 300 36.52 -26.64 0.97
CA PRO A 300 35.82 -27.62 1.82
C PRO A 300 34.60 -27.10 2.56
N LEU A 301 34.60 -25.84 2.99
CA LEU A 301 33.45 -25.32 3.73
C LEU A 301 32.26 -25.07 2.81
N THR A 302 32.52 -24.76 1.55
CA THR A 302 31.47 -24.69 0.56
C THR A 302 30.78 -26.06 0.38
N ALA A 303 31.57 -27.13 0.23
CA ALA A 303 31.03 -28.48 0.11
C ALA A 303 30.29 -28.92 1.37
N GLN A 304 30.88 -28.64 2.53
CA GLN A 304 30.24 -28.93 3.81
C GLN A 304 28.88 -28.23 3.95
N ALA A 305 28.78 -26.96 3.56
CA ALA A 305 27.55 -26.21 3.74
C ALA A 305 26.44 -26.76 2.87
N ILE A 306 26.78 -27.05 1.62
CA ILE A 306 25.80 -27.60 0.69
C ILE A 306 25.29 -28.96 1.21
N GLN A 307 26.19 -29.79 1.76
CA GLN A 307 25.78 -31.05 2.39
C GLN A 307 24.83 -30.89 3.58
N GLU A 308 25.05 -29.86 4.40
CA GLU A 308 24.19 -29.62 5.56
C GLU A 308 22.83 -29.10 5.15
N GLY A 309 22.76 -28.41 4.01
CA GLY A 309 21.48 -28.01 3.47
C GLY A 309 20.74 -29.11 2.69
N LEU A 310 21.46 -30.17 2.32
CA LEU A 310 20.90 -31.23 1.52
C LEU A 310 20.72 -32.54 2.30
N ARG A 311 20.52 -32.45 3.60
CA ARG A 311 20.24 -33.61 4.39
C ARG A 311 18.79 -34.03 4.08
N LYS A 312 18.56 -35.31 3.79
CA LYS A 312 17.21 -35.79 3.41
C LYS A 312 16.12 -35.63 4.48
N GLU A 313 16.49 -35.75 5.75
CA GLU A 313 15.54 -35.61 6.85
C GLU A 313 15.56 -34.16 7.37
N PRO A 314 14.40 -33.45 7.31
CA PRO A 314 14.38 -32.02 7.62
C PRO A 314 14.95 -31.66 9.00
N VAL A 315 14.75 -32.54 9.97
CA VAL A 315 15.27 -32.29 11.33
C VAL A 315 16.81 -32.34 11.37
N HIS A 316 17.44 -33.05 10.43
CA HIS A 316 18.91 -33.07 10.34
C HIS A 316 19.45 -31.89 9.48
N ARG A 317 18.58 -31.21 8.73
CA ARG A 317 18.98 -30.15 7.81
C ARG A 317 19.26 -28.83 8.55
N ALA A 318 20.23 -28.07 8.07
CA ALA A 318 20.48 -26.73 8.58
C ALA A 318 19.24 -25.83 8.41
N SER A 319 18.98 -24.97 9.39
CA SER A 319 18.02 -23.88 9.24
C SER A 319 18.63 -22.74 8.41
N ALA A 320 17.83 -21.71 8.14
CA ALA A 320 18.30 -20.56 7.36
C ALA A 320 19.43 -19.83 8.08
N MET A 321 19.25 -19.56 9.36
CA MET A 321 20.24 -18.87 10.18
C MET A 321 21.58 -19.61 10.19
N GLU A 322 21.54 -20.91 10.51
CA GLU A 322 22.77 -21.71 10.59
C GLU A 322 23.50 -21.76 9.29
N LEU A 323 22.77 -21.98 8.22
CA LEU A 323 23.37 -22.12 6.92
C LEU A 323 23.91 -20.78 6.43
N ARG A 324 23.18 -19.69 6.74
CA ARG A 324 23.59 -18.34 6.40
C ARG A 324 24.95 -18.02 7.05
N ARG A 325 25.09 -18.27 8.34
CA ARG A 325 26.40 -18.10 9.02
C ARG A 325 27.53 -18.89 8.34
N LYS A 326 27.24 -20.15 8.06
CA LYS A 326 28.22 -21.04 7.43
C LYS A 326 28.66 -20.59 6.04
N VAL A 327 27.68 -20.16 5.25
CA VAL A 327 27.92 -19.68 3.90
C VAL A 327 28.66 -18.35 3.89
N GLY A 328 28.44 -17.51 4.90
CA GLY A 328 29.21 -16.31 5.05
C GLY A 328 30.65 -16.64 5.37
N LYS A 329 30.86 -17.67 6.20
CA LYS A 329 32.21 -18.11 6.51
C LYS A 329 32.91 -18.70 5.27
N ALA A 330 32.20 -19.56 4.56
CA ALA A 330 32.72 -20.15 3.32
C ALA A 330 33.25 -19.10 2.33
N LEU A 331 32.51 -18.00 2.21
CA LEU A 331 32.87 -16.90 1.33
C LEU A 331 34.16 -16.24 1.78
N GLN A 332 34.28 -15.98 3.08
CA GLN A 332 35.52 -15.47 3.64
C GLN A 332 36.67 -16.48 3.42
N GLU A 333 36.37 -17.78 3.54
CA GLU A 333 37.38 -18.82 3.34
C GLU A 333 37.97 -18.88 1.91
N VAL A 334 37.22 -18.38 0.93
CA VAL A 334 37.74 -18.27 -0.43
C VAL A 334 38.21 -16.84 -0.79
N GLY A 335 38.46 -16.01 0.22
CA GLY A 335 39.02 -14.65 0.03
C GLY A 335 37.98 -13.56 -0.25
N GLY A 336 36.69 -13.82 -0.01
CA GLY A 336 35.63 -12.83 -0.23
C GLY A 336 35.20 -12.76 -1.68
N LEU A 337 34.27 -11.87 -1.95
CA LEU A 337 33.80 -11.64 -3.31
C LEU A 337 34.85 -10.88 -4.13
N LYS A 338 35.52 -11.58 -5.05
CA LYS A 338 36.54 -10.97 -5.91
C LYS A 338 36.20 -10.98 -7.41
N SER A 339 35.36 -11.91 -7.86
CA SER A 339 35.21 -12.14 -9.30
C SER A 339 34.30 -11.08 -10.01
N PRO A 340 34.51 -10.84 -11.31
CA PRO A 340 33.75 -9.80 -12.01
C PRO A 340 32.24 -10.04 -12.05
N TRP A 341 31.51 -8.93 -11.97
CA TRP A 341 30.08 -8.92 -12.28
C TRP A 341 30.02 -9.09 -13.81
N LYS A 342 29.36 -10.17 -14.22
CA LYS A 342 29.46 -10.71 -15.54
C LYS A 342 30.92 -11.05 -15.86
N GLY A 343 31.56 -10.41 -16.82
CA GLY A 343 32.91 -10.83 -17.22
C GLY A 343 32.91 -11.96 -18.23
N GLU A 344 33.28 -13.17 -17.79
CA GLU A 344 33.71 -14.23 -18.71
C GLU A 344 32.82 -15.46 -18.65
N TYR A 345 32.42 -15.95 -19.82
CA TYR A 345 31.68 -17.20 -19.93
C TYR A 345 32.48 -18.37 -19.33
N LYS A 346 31.79 -19.22 -18.57
CA LYS A 346 32.34 -20.43 -17.97
C LYS A 346 31.56 -21.62 -18.52
N GLU A 347 32.24 -22.65 -19.03
CA GLU A 347 31.54 -23.80 -19.59
C GLU A 347 30.83 -24.61 -18.48
N PRO A 348 29.53 -24.91 -18.65
CA PRO A 348 28.80 -25.81 -17.72
C PRO A 348 29.14 -27.30 -17.82
N ARG A 349 28.34 -28.11 -17.11
CA ARG A 349 28.09 -29.57 -17.35
C ARG A 349 27.78 -30.23 -16.01
N PRO B 8 -42.82 17.78 2.30
CA PRO B 8 -43.88 17.77 1.28
C PRO B 8 -43.86 19.00 0.35
N VAL B 9 -43.87 20.20 0.88
CA VAL B 9 -43.61 21.39 0.04
C VAL B 9 -42.12 21.49 -0.39
N GLU B 10 -41.26 20.83 0.39
CA GLU B 10 -39.82 20.66 0.08
C GLU B 10 -39.71 19.93 -1.26
N GLU B 11 -40.42 18.79 -1.35
CA GLU B 11 -40.61 17.98 -2.59
C GLU B 11 -40.81 18.85 -3.83
N TYR B 12 -41.74 19.79 -3.73
CA TYR B 12 -42.15 20.62 -4.86
C TYR B 12 -41.05 21.55 -5.36
N LEU B 13 -40.27 22.11 -4.43
CA LEU B 13 -39.14 22.97 -4.79
C LEU B 13 -37.99 22.18 -5.35
N VAL B 14 -37.82 20.98 -4.80
CA VAL B 14 -36.78 20.04 -5.25
C VAL B 14 -36.98 19.64 -6.72
N HIS B 15 -38.24 19.41 -7.13
CA HIS B 15 -38.58 19.07 -8.52
C HIS B 15 -38.21 20.17 -9.51
N ALA B 16 -38.35 21.43 -9.10
CA ALA B 16 -37.90 22.57 -9.94
C ALA B 16 -36.39 22.60 -10.20
N LEU B 17 -35.60 22.08 -9.26
CA LEU B 17 -34.16 21.97 -9.43
C LEU B 17 -33.74 20.79 -10.29
N GLN B 18 -34.48 19.69 -10.19
CA GLN B 18 -34.09 18.47 -10.87
C GLN B 18 -34.10 18.67 -12.36
N GLY B 19 -33.16 18.01 -13.03
CA GLY B 19 -33.04 18.04 -14.45
C GLY B 19 -32.34 19.25 -15.04
N SER B 20 -31.79 20.13 -14.20
CA SER B 20 -31.12 21.32 -14.70
C SER B 20 -29.95 21.67 -13.85
N VAL B 21 -29.00 22.39 -14.43
CA VAL B 21 -27.96 23.04 -13.65
C VAL B 21 -28.24 24.54 -13.54
N SER B 22 -28.18 25.06 -12.31
CA SER B 22 -28.41 26.47 -12.06
C SER B 22 -27.34 27.06 -11.18
N SER B 23 -27.21 28.39 -11.25
CA SER B 23 -26.53 29.15 -10.23
C SER B 23 -27.51 29.32 -9.09
N GLY B 24 -27.06 29.13 -7.85
CA GLY B 24 -27.92 29.27 -6.72
C GLY B 24 -27.16 29.27 -5.41
N GLN B 25 -27.89 29.02 -4.33
CA GLN B 25 -27.34 29.00 -2.98
C GLN B 25 -27.21 27.60 -2.43
N ALA B 26 -26.47 27.53 -1.33
CA ALA B 26 -26.11 26.29 -0.69
C ALA B 26 -27.31 25.45 -0.24
N HIS B 27 -28.38 26.11 0.24
CA HIS B 27 -29.60 25.40 0.69
C HIS B 27 -30.27 24.61 -0.43
N SER B 28 -30.26 25.16 -1.64
CA SER B 28 -30.77 24.48 -2.82
C SER B 28 -29.91 23.28 -3.21
N LEU B 29 -28.60 23.47 -3.13
CA LEU B 29 -27.70 22.39 -3.44
C LEU B 29 -27.95 21.26 -2.45
N ALA B 30 -28.10 21.60 -1.17
CA ALA B 30 -28.33 20.62 -0.15
C ALA B 30 -29.62 19.83 -0.42
N SER B 31 -30.69 20.55 -0.76
CA SER B 31 -31.99 19.96 -1.16
C SER B 31 -31.90 18.98 -2.31
N LEU B 32 -31.25 19.41 -3.39
CA LEU B 32 -31.06 18.56 -4.56
C LEU B 32 -30.22 17.32 -4.24
N ALA B 33 -29.10 17.51 -3.56
CA ALA B 33 -28.18 16.42 -3.16
C ALA B 33 -28.88 15.28 -2.41
N LYS B 34 -29.89 15.60 -1.61
CA LYS B 34 -30.67 14.57 -0.87
C LYS B 34 -31.38 13.57 -1.79
N THR B 35 -31.68 14.00 -3.01
CA THR B 35 -32.28 13.14 -4.03
C THR B 35 -31.26 12.22 -4.72
N TRP B 36 -29.96 12.49 -4.54
CA TRP B 36 -28.91 11.67 -5.11
C TRP B 36 -28.52 10.45 -4.27
N SER B 37 -29.28 10.07 -3.25
CA SER B 37 -29.04 8.80 -2.57
C SER B 37 -29.41 7.64 -3.50
N ASP B 52 -30.63 13.64 -16.29
CA ASP B 52 -29.28 13.26 -16.68
C ASP B 52 -28.22 14.20 -16.10
N ASN B 53 -28.39 15.51 -16.28
CA ASN B 53 -27.39 16.51 -15.89
C ASN B 53 -28.10 17.56 -15.06
N GLU B 54 -27.69 17.70 -13.81
CA GLU B 54 -28.40 18.54 -12.84
C GLU B 54 -27.47 18.89 -11.69
N GLY B 55 -27.63 20.07 -11.13
CA GLY B 55 -26.80 20.50 -10.03
C GLY B 55 -26.96 21.95 -9.68
N VAL B 56 -26.15 22.42 -8.75
CA VAL B 56 -26.18 23.81 -8.34
C VAL B 56 -24.75 24.30 -8.21
N LEU B 57 -24.45 25.45 -8.82
CA LEU B 57 -23.14 26.11 -8.73
C LEU B 57 -23.26 27.32 -7.80
N LEU B 58 -22.32 27.44 -6.84
CA LEU B 58 -22.39 28.44 -5.79
C LEU B 58 -21.57 29.69 -6.04
N THR B 59 -20.75 29.70 -7.08
CA THR B 59 -19.98 30.88 -7.44
C THR B 59 -20.19 31.25 -8.92
N GLU B 60 -20.23 32.54 -9.20
CA GLU B 60 -20.30 33.06 -10.58
C GLU B 60 -19.15 32.62 -11.51
N LYS B 61 -18.05 32.20 -10.91
CA LYS B 61 -16.89 31.75 -11.66
C LYS B 61 -17.14 30.40 -12.34
N LEU B 62 -18.12 29.63 -11.88
CA LEU B 62 -18.59 28.46 -12.57
C LEU B 62 -20.01 28.70 -13.04
N LYS B 63 -20.25 28.73 -14.35
CA LYS B 63 -21.56 29.07 -14.93
C LYS B 63 -22.13 27.97 -15.82
N PRO B 64 -23.40 27.57 -15.57
CA PRO B 64 -24.05 26.69 -16.51
C PRO B 64 -24.32 27.42 -17.83
N VAL B 65 -24.57 26.62 -18.87
CA VAL B 65 -24.89 27.15 -20.18
C VAL B 65 -26.10 26.37 -20.64
N ASP B 66 -27.15 27.10 -20.98
CA ASP B 66 -28.43 26.52 -21.33
C ASP B 66 -28.82 25.30 -20.48
N TYR B 67 -28.85 25.48 -19.15
CA TYR B 67 -29.37 24.46 -18.19
C TYR B 67 -28.40 23.29 -17.97
N GLU B 68 -27.16 23.37 -18.49
CA GLU B 68 -26.22 22.27 -18.49
C GLU B 68 -24.87 22.65 -17.98
N TYR B 69 -24.10 21.65 -17.56
CA TYR B 69 -22.70 21.80 -17.17
C TYR B 69 -22.10 20.41 -17.24
N ARG B 70 -21.45 20.13 -18.36
CA ARG B 70 -21.03 18.81 -18.75
C ARG B 70 -19.51 18.85 -18.90
N GLU B 71 -18.89 17.76 -18.45
CA GLU B 71 -17.45 17.56 -18.58
C GLU B 71 -16.99 17.53 -20.04
N GLU B 72 -15.95 18.31 -20.31
CA GLU B 72 -15.33 18.51 -21.62
C GLU B 72 -16.12 19.42 -22.57
N VAL B 73 -17.32 19.82 -22.20
CA VAL B 73 -18.10 20.78 -22.98
C VAL B 73 -18.03 22.14 -22.30
N HIS B 74 -18.46 22.20 -21.06
CA HIS B 74 -18.51 23.45 -20.30
C HIS B 74 -17.35 23.57 -19.31
N TRP B 75 -16.76 22.44 -18.92
CA TRP B 75 -15.57 22.44 -18.09
C TRP B 75 -14.57 21.37 -18.53
N MET B 76 -13.29 21.74 -18.50
CA MET B 76 -12.20 20.96 -19.08
C MET B 76 -11.25 20.58 -17.95
N THR B 77 -10.94 19.31 -17.77
CA THR B 77 -9.86 18.93 -16.86
C THR B 77 -8.50 19.26 -17.46
N HIS B 78 -7.50 19.43 -16.60
CA HIS B 78 -6.14 19.74 -17.03
C HIS B 78 -5.61 18.66 -17.96
N GLN B 79 -4.86 19.07 -18.99
CA GLN B 79 -4.70 18.30 -20.24
C GLN B 79 -4.09 16.88 -20.05
N PRO B 80 -2.82 16.76 -19.58
CA PRO B 80 -2.37 15.44 -19.12
C PRO B 80 -2.92 15.15 -17.70
N ARG B 81 -3.99 14.37 -17.66
CA ARG B 81 -4.69 13.97 -16.43
C ARG B 81 -3.81 13.11 -15.52
N VAL B 82 -3.46 13.64 -14.35
CA VAL B 82 -2.61 12.93 -13.37
C VAL B 82 -3.40 12.37 -12.17
N GLY B 83 -4.36 13.15 -11.67
CA GLY B 83 -5.23 12.75 -10.56
C GLY B 83 -4.60 12.90 -9.18
N ARG B 84 -5.41 13.30 -8.19
CA ARG B 84 -5.02 13.24 -6.79
C ARG B 84 -6.15 12.64 -5.97
N GLY B 85 -5.90 12.41 -4.69
CA GLY B 85 -6.84 11.70 -3.80
C GLY B 85 -6.62 10.20 -3.93
N SER B 86 -7.27 9.44 -3.06
CA SER B 86 -7.11 8.01 -2.94
C SER B 86 -7.55 7.23 -4.17
N PHE B 87 -8.52 7.74 -4.92
CA PHE B 87 -8.94 7.05 -6.11
C PHE B 87 -8.49 7.79 -7.35
N GLY B 88 -7.55 8.73 -7.22
CA GLY B 88 -7.19 9.59 -8.34
C GLY B 88 -8.38 10.31 -8.96
N GLU B 89 -9.34 10.68 -8.10
CA GLU B 89 -10.63 11.24 -8.49
C GLU B 89 -10.69 12.76 -8.41
N VAL B 90 -9.61 13.38 -7.92
CA VAL B 90 -9.52 14.81 -7.79
C VAL B 90 -8.62 15.41 -8.87
N HIS B 91 -9.14 16.41 -9.56
CA HIS B 91 -8.48 16.96 -10.75
C HIS B 91 -8.54 18.45 -10.75
N ARG B 92 -7.52 19.07 -11.35
CA ARG B 92 -7.56 20.48 -11.74
C ARG B 92 -8.49 20.61 -12.94
N MET B 93 -9.28 21.69 -12.96
CA MET B 93 -10.19 21.95 -14.07
C MET B 93 -10.32 23.43 -14.33
N LYS B 94 -10.90 23.75 -15.47
CA LYS B 94 -11.09 25.11 -15.89
C LYS B 94 -12.47 25.21 -16.47
N ASP B 95 -13.22 26.23 -16.04
CA ASP B 95 -14.48 26.60 -16.69
C ASP B 95 -14.19 27.24 -18.05
N LYS B 96 -14.74 26.64 -19.11
CA LYS B 96 -14.49 27.09 -20.49
C LYS B 96 -14.91 28.56 -20.80
N GLN B 97 -15.94 29.07 -20.13
CA GLN B 97 -16.46 30.41 -20.44
C GLN B 97 -15.67 31.48 -19.68
N THR B 98 -15.50 31.29 -18.37
CA THR B 98 -14.89 32.29 -17.50
C THR B 98 -13.37 32.20 -17.36
N GLY B 99 -12.81 31.02 -17.64
CA GLY B 99 -11.38 30.77 -17.44
C GLY B 99 -10.92 30.43 -16.03
N PHE B 100 -11.82 30.52 -15.07
CA PHE B 100 -11.52 30.25 -13.67
C PHE B 100 -11.11 28.80 -13.42
N GLN B 101 -10.03 28.59 -12.66
CA GLN B 101 -9.52 27.26 -12.35
C GLN B 101 -9.94 26.81 -10.97
N CYS B 102 -10.33 25.56 -10.84
CA CYS B 102 -10.56 25.00 -9.52
C CYS B 102 -10.36 23.49 -9.48
N ALA B 103 -10.66 22.87 -8.37
CA ALA B 103 -10.58 21.43 -8.23
C ALA B 103 -11.97 20.82 -8.39
N VAL B 104 -12.01 19.62 -8.93
CA VAL B 104 -13.23 18.83 -9.00
C VAL B 104 -12.96 17.45 -8.38
N LYS B 105 -13.84 17.02 -7.51
CA LYS B 105 -13.79 15.64 -7.00
C LYS B 105 -14.89 14.84 -7.66
N LYS B 106 -14.53 13.78 -8.35
CA LYS B 106 -15.52 12.90 -9.00
C LYS B 106 -15.93 11.79 -8.04
N VAL B 107 -17.23 11.67 -7.77
CA VAL B 107 -17.75 10.62 -6.91
C VAL B 107 -18.72 9.75 -7.67
N ARG B 108 -18.63 8.46 -7.54
CA ARG B 108 -19.56 7.56 -8.21
C ARG B 108 -20.91 7.74 -7.56
N LEU B 109 -21.92 7.94 -8.37
CA LEU B 109 -23.28 8.17 -7.89
C LEU B 109 -23.78 7.03 -7.01
N GLU B 110 -23.42 5.81 -7.38
CA GLU B 110 -23.89 4.62 -6.70
C GLU B 110 -23.40 4.56 -5.25
N VAL B 111 -22.27 5.18 -4.93
CA VAL B 111 -21.78 5.20 -3.53
C VAL B 111 -21.84 6.57 -2.85
N PHE B 112 -22.32 7.61 -3.55
CA PHE B 112 -22.45 8.97 -3.02
C PHE B 112 -23.24 9.00 -1.72
N ARG B 113 -22.65 9.62 -0.70
CA ARG B 113 -23.33 9.84 0.56
C ARG B 113 -23.84 11.27 0.60
N VAL B 114 -25.12 11.43 0.89
CA VAL B 114 -25.78 12.73 0.93
C VAL B 114 -25.02 13.69 1.84
N GLU B 115 -24.47 13.17 2.96
CA GLU B 115 -23.79 13.98 3.96
C GLU B 115 -22.60 14.71 3.41
N GLU B 116 -21.99 14.18 2.36
CA GLU B 116 -20.84 14.82 1.75
C GLU B 116 -21.10 16.24 1.30
N LEU B 117 -22.34 16.55 0.94
CA LEU B 117 -22.73 17.91 0.55
C LEU B 117 -23.56 18.64 1.60
N VAL B 118 -24.54 17.95 2.20
CA VAL B 118 -25.40 18.52 3.27
C VAL B 118 -24.59 19.02 4.49
N ALA B 119 -23.49 18.35 4.80
CA ALA B 119 -22.67 18.72 5.94
C ALA B 119 -21.78 19.91 5.62
N CYS B 120 -21.33 20.09 4.39
CA CYS B 120 -20.44 21.22 4.11
C CYS B 120 -21.08 22.40 3.38
N ALA B 121 -22.31 22.26 2.90
CA ALA B 121 -22.97 23.34 2.15
C ALA B 121 -23.38 24.46 3.08
N GLY B 122 -22.92 25.68 2.80
CA GLY B 122 -23.19 26.85 3.64
C GLY B 122 -22.22 27.05 4.79
N LEU B 123 -21.22 26.17 4.93
CA LEU B 123 -20.15 26.36 5.90
C LEU B 123 -19.22 27.43 5.39
N SER B 124 -18.68 28.22 6.32
CA SER B 124 -17.74 29.29 6.01
C SER B 124 -16.68 29.43 7.11
N SER B 125 -15.46 28.98 6.82
CA SER B 125 -14.35 29.09 7.74
C SER B 125 -13.04 29.03 6.97
N PRO B 126 -12.04 29.81 7.39
CA PRO B 126 -10.79 29.76 6.66
C PRO B 126 -10.07 28.41 6.81
N ARG B 127 -10.51 27.57 7.74
CA ARG B 127 -9.96 26.25 7.96
C ARG B 127 -10.73 25.14 7.24
N ILE B 128 -11.75 25.51 6.46
CA ILE B 128 -12.49 24.56 5.63
C ILE B 128 -12.43 25.02 4.19
N VAL B 129 -12.04 24.11 3.29
CA VAL B 129 -11.92 24.39 1.86
C VAL B 129 -13.31 24.75 1.34
N PRO B 130 -13.46 25.91 0.67
CA PRO B 130 -14.80 26.29 0.22
C PRO B 130 -15.36 25.41 -0.90
N LEU B 131 -16.65 25.08 -0.77
CA LEU B 131 -17.39 24.35 -1.78
C LEU B 131 -17.89 25.33 -2.87
N TYR B 132 -17.73 24.95 -4.12
CA TYR B 132 -18.17 25.81 -5.24
C TYR B 132 -19.39 25.31 -5.96
N GLY B 133 -19.75 24.06 -5.71
CA GLY B 133 -20.98 23.50 -6.21
C GLY B 133 -20.87 22.03 -6.50
N ALA B 134 -21.94 21.48 -7.03
CA ALA B 134 -21.96 20.08 -7.35
C ALA B 134 -22.93 19.80 -8.48
N VAL B 135 -22.49 18.99 -9.42
CA VAL B 135 -23.26 18.68 -10.61
C VAL B 135 -23.23 17.17 -10.81
N ARG B 136 -24.39 16.57 -10.90
CA ARG B 136 -24.53 15.19 -11.31
C ARG B 136 -24.55 15.12 -12.84
N GLU B 137 -23.81 14.18 -13.40
CA GLU B 137 -23.81 13.92 -14.84
C GLU B 137 -23.75 12.43 -15.01
N GLY B 138 -24.89 11.84 -15.34
CA GLY B 138 -25.00 10.37 -15.49
C GLY B 138 -24.64 9.64 -14.21
N PRO B 139 -23.59 8.80 -14.23
CA PRO B 139 -23.16 8.04 -13.05
C PRO B 139 -22.12 8.73 -12.15
N TRP B 140 -21.87 10.03 -12.36
CA TRP B 140 -20.92 10.82 -11.57
C TRP B 140 -21.61 11.95 -10.83
N VAL B 141 -21.21 12.14 -9.59
CA VAL B 141 -21.45 13.37 -8.88
C VAL B 141 -20.11 14.12 -8.88
N ASN B 142 -20.07 15.27 -9.55
CA ASN B 142 -18.89 16.10 -9.64
C ASN B 142 -18.96 17.23 -8.64
N ILE B 143 -18.01 17.29 -7.72
CA ILE B 143 -18.04 18.26 -6.64
C ILE B 143 -16.90 19.22 -6.85
N PHE B 144 -17.22 20.51 -6.93
CA PHE B 144 -16.24 21.54 -7.26
C PHE B 144 -15.88 22.32 -6.01
N MET B 145 -14.60 22.64 -5.88
CA MET B 145 -14.12 23.40 -4.72
C MET B 145 -12.87 24.20 -5.07
N GLU B 146 -12.43 25.05 -4.15
CA GLU B 146 -11.23 25.85 -4.34
C GLU B 146 -10.01 24.97 -4.57
N LEU B 147 -9.23 25.34 -5.56
CA LEU B 147 -7.94 24.71 -5.78
C LEU B 147 -6.93 25.39 -4.88
N LEU B 148 -6.26 24.62 -4.04
CA LEU B 148 -5.26 25.18 -3.16
C LEU B 148 -3.89 24.89 -3.70
N GLU B 149 -3.18 25.94 -4.08
CA GLU B 149 -1.93 25.82 -4.84
C GLU B 149 -0.73 25.20 -4.09
N GLY B 150 -0.76 25.21 -2.75
CA GLY B 150 0.25 24.52 -1.98
C GLY B 150 0.14 23.00 -1.91
N GLY B 151 -0.95 22.43 -2.41
CA GLY B 151 -1.13 20.98 -2.39
C GLY B 151 -1.51 20.47 -1.00
N SER B 152 -1.62 19.15 -0.86
CA SER B 152 -2.06 18.56 0.38
C SER B 152 -0.88 18.39 1.33
N LEU B 153 -1.18 18.31 2.62
CA LEU B 153 -0.17 18.02 3.63
C LEU B 153 0.45 16.62 3.44
N GLY B 154 -0.35 15.67 2.98
CA GLY B 154 0.19 14.37 2.62
C GLY B 154 1.26 14.43 1.54
N GLN B 155 1.07 15.30 0.53
CA GLN B 155 2.11 15.53 -0.49
C GLN B 155 3.37 16.14 0.11
N LEU B 156 3.19 17.03 1.08
CA LEU B 156 4.34 17.65 1.73
C LEU B 156 5.17 16.64 2.51
N ILE B 157 4.51 15.77 3.26
CA ILE B 157 5.21 14.72 3.99
C ILE B 157 6.07 13.86 3.05
N LYS B 158 5.49 13.39 1.95
CA LYS B 158 6.26 12.61 0.97
C LYS B 158 7.44 13.39 0.38
N GLN B 159 7.18 14.62 -0.03
CA GLN B 159 8.19 15.50 -0.62
C GLN B 159 9.34 15.77 0.36
N MET B 160 9.00 16.00 1.62
CA MET B 160 9.99 16.37 2.62
C MET B 160 10.48 15.20 3.47
N GLY B 161 9.93 13.99 3.28
CA GLY B 161 10.27 12.83 4.11
C GLY B 161 9.47 12.80 5.41
N CYS B 162 9.77 13.76 6.29
CA CYS B 162 8.93 14.05 7.44
C CYS B 162 9.13 15.52 7.85
N LEU B 163 8.32 15.98 8.81
CA LEU B 163 8.27 17.39 9.16
C LEU B 163 8.87 17.69 10.52
N PRO B 164 9.54 18.86 10.66
CA PRO B 164 10.00 19.22 11.99
C PRO B 164 8.85 19.50 12.95
N GLU B 165 9.14 19.35 14.24
CA GLU B 165 8.18 19.44 15.33
C GLU B 165 7.37 20.73 15.32
N ASP B 166 8.02 21.88 15.15
CA ASP B 166 7.29 23.15 15.15
C ASP B 166 6.26 23.27 13.99
N ARG B 167 6.68 22.83 12.81
CA ARG B 167 5.80 22.75 11.65
C ARG B 167 4.61 21.75 11.87
N ALA B 168 4.93 20.54 12.31
CA ALA B 168 3.92 19.51 12.63
C ALA B 168 2.85 20.10 13.60
N LEU B 169 3.30 20.68 14.72
CA LEU B 169 2.40 21.33 15.67
C LEU B 169 1.55 22.45 15.09
N TYR B 170 2.18 23.27 14.26
CA TYR B 170 1.51 24.36 13.66
C TYR B 170 0.35 23.89 12.78
N TYR B 171 0.56 22.86 11.98
CA TYR B 171 -0.49 22.34 11.13
C TYR B 171 -1.54 21.57 11.94
N LEU B 172 -1.12 20.81 12.95
CA LEU B 172 -2.07 20.16 13.85
C LEU B 172 -2.99 21.20 14.49
N GLY B 173 -2.43 22.33 14.91
CA GLY B 173 -3.21 23.42 15.48
C GLY B 173 -4.30 23.94 14.56
N GLN B 174 -3.94 24.19 13.30
CA GLN B 174 -4.90 24.62 12.28
C GLN B 174 -5.97 23.58 11.95
N ALA B 175 -5.58 22.31 11.80
CA ALA B 175 -6.53 21.23 11.65
C ALA B 175 -7.54 21.20 12.81
N LEU B 176 -7.05 21.35 14.03
CA LEU B 176 -7.91 21.23 15.21
C LEU B 176 -8.90 22.38 15.30
N GLU B 177 -8.49 23.51 14.77
CA GLU B 177 -9.32 24.70 14.66
C GLU B 177 -10.42 24.50 13.63
N GLY B 178 -10.10 23.85 12.52
CA GLY B 178 -11.14 23.37 11.62
C GLY B 178 -12.11 22.36 12.27
N LEU B 179 -11.60 21.46 13.07
CA LEU B 179 -12.44 20.50 13.80
C LEU B 179 -13.31 21.15 14.85
N GLU B 180 -12.76 22.15 15.52
CA GLU B 180 -13.51 22.96 16.46
C GLU B 180 -14.78 23.50 15.80
N TYR B 181 -14.60 24.14 14.66
CA TYR B 181 -15.69 24.68 13.86
C TYR B 181 -16.70 23.60 13.42
N LEU B 182 -16.23 22.45 12.98
CA LEU B 182 -17.14 21.34 12.62
C LEU B 182 -17.86 20.76 13.81
N HIS B 183 -17.15 20.52 14.90
CA HIS B 183 -17.74 19.84 16.06
C HIS B 183 -18.80 20.64 16.76
N THR B 184 -18.65 21.96 16.81
CA THR B 184 -19.69 22.77 17.48
C THR B 184 -20.95 22.84 16.60
N ARG B 185 -20.80 22.68 15.28
CA ARG B 185 -21.93 22.47 14.40
C ARG B 185 -22.36 20.99 14.29
N ARG B 186 -21.88 20.11 15.15
CA ARG B 186 -22.29 18.70 15.20
C ARG B 186 -21.97 17.91 13.93
N ILE B 187 -20.83 18.23 13.34
CA ILE B 187 -20.36 17.54 12.16
C ILE B 187 -19.10 16.80 12.57
N LEU B 188 -19.15 15.49 12.35
CA LEU B 188 -18.00 14.63 12.40
C LEU B 188 -17.35 14.61 11.02
N HIS B 189 -16.07 14.95 10.92
CA HIS B 189 -15.34 14.85 9.62
C HIS B 189 -15.21 13.39 9.16
N GLY B 190 -14.76 12.49 10.02
CA GLY B 190 -14.67 11.05 9.71
C GLY B 190 -13.45 10.49 8.99
N ASP B 191 -12.57 11.34 8.47
CA ASP B 191 -11.35 10.92 7.78
C ASP B 191 -10.28 12.00 7.84
N VAL B 192 -9.91 12.38 9.05
CA VAL B 192 -8.88 13.37 9.26
C VAL B 192 -7.56 12.67 9.02
N LYS B 193 -6.80 13.20 8.05
CA LYS B 193 -5.46 12.74 7.76
C LYS B 193 -4.74 13.75 6.88
N ALA B 194 -3.43 13.56 6.69
CA ALA B 194 -2.60 14.57 6.01
C ALA B 194 -3.06 14.84 4.57
N ASP B 195 -3.45 13.79 3.85
CA ASP B 195 -4.01 13.95 2.48
C ASP B 195 -5.27 14.81 2.41
N ASN B 196 -6.04 14.86 3.49
CA ASN B 196 -7.26 15.66 3.55
C ASN B 196 -7.07 17.03 4.15
N VAL B 197 -5.82 17.47 4.32
CA VAL B 197 -5.52 18.84 4.74
C VAL B 197 -4.77 19.56 3.60
N LEU B 198 -5.31 20.69 3.14
CA LEU B 198 -4.75 21.43 2.02
C LEU B 198 -4.06 22.72 2.43
N LEU B 199 -3.01 23.09 1.71
CA LEU B 199 -2.14 24.19 2.12
C LEU B 199 -2.18 25.33 1.13
N SER B 200 -2.09 26.54 1.66
CA SER B 200 -1.92 27.72 0.81
C SER B 200 -0.57 27.63 0.11
N SER B 201 -0.42 28.46 -0.91
CA SER B 201 0.78 28.43 -1.74
C SER B 201 2.05 28.73 -0.93
N ASP B 202 1.95 29.49 0.17
CA ASP B 202 3.13 29.75 1.01
C ASP B 202 3.25 28.82 2.20
N GLY B 203 2.34 27.87 2.35
CA GLY B 203 2.41 26.90 3.43
C GLY B 203 1.89 27.39 4.76
N SER B 204 1.41 28.63 4.83
CA SER B 204 1.08 29.25 6.11
C SER B 204 -0.35 28.94 6.55
N ARG B 205 -1.26 28.67 5.60
CA ARG B 205 -2.65 28.34 5.97
C ARG B 205 -3.02 26.93 5.56
N ALA B 206 -3.63 26.19 6.47
CA ALA B 206 -4.13 24.85 6.20
C ALA B 206 -5.67 24.85 6.29
N ALA B 207 -6.30 23.97 5.52
CA ALA B 207 -7.74 23.80 5.58
C ALA B 207 -8.17 22.36 5.31
N LEU B 208 -9.25 21.94 5.95
CA LEU B 208 -9.80 20.57 5.80
C LEU B 208 -10.62 20.45 4.53
N CYS B 209 -10.44 19.36 3.80
CA CYS B 209 -11.35 18.99 2.73
C CYS B 209 -11.82 17.55 2.93
N ASP B 210 -12.70 17.16 2.00
CA ASP B 210 -13.17 15.81 1.82
C ASP B 210 -14.14 15.41 2.93
N PHE B 211 -15.41 15.73 2.71
CA PHE B 211 -16.50 15.37 3.59
C PHE B 211 -17.21 14.05 3.23
N GLY B 212 -16.52 13.18 2.47
CA GLY B 212 -17.12 11.94 2.01
C GLY B 212 -17.50 10.97 3.13
N HIS B 213 -16.83 11.05 4.28
CA HIS B 213 -17.01 10.19 5.43
C HIS B 213 -17.67 10.92 6.55
N ALA B 214 -18.19 12.13 6.28
CA ALA B 214 -18.74 12.93 7.36
C ALA B 214 -20.04 12.32 7.87
N LEU B 215 -20.34 12.64 9.12
CA LEU B 215 -21.59 12.29 9.71
C LEU B 215 -22.09 13.48 10.53
N CYS B 216 -23.39 13.77 10.43
CA CYS B 216 -24.04 14.77 11.25
C CYS B 216 -24.48 14.12 12.54
N LEU B 217 -24.00 14.63 13.66
CA LEU B 217 -24.36 14.12 14.98
C LEU B 217 -25.70 14.73 15.39
N GLN B 218 -26.32 14.14 16.39
CA GLN B 218 -27.62 14.62 16.90
C GLN B 218 -27.44 16.01 17.54
N PRO B 219 -28.56 16.75 17.77
CA PRO B 219 -28.51 18.03 18.51
C PRO B 219 -27.53 18.06 19.70
N ASP B 220 -27.63 17.05 20.56
CA ASP B 220 -26.82 16.96 21.79
C ASP B 220 -25.32 16.71 21.55
N GLY B 221 -24.96 16.13 20.40
CA GLY B 221 -23.59 15.74 20.09
C GLY B 221 -23.24 14.32 20.52
N LEU B 222 -24.19 13.65 21.17
CA LEU B 222 -24.12 12.22 21.50
C LEU B 222 -23.71 11.44 20.25
N GLY B 223 -22.87 10.43 20.47
CA GLY B 223 -22.39 9.61 19.37
C GLY B 223 -23.48 8.70 18.84
N LYS B 224 -23.49 8.51 17.52
CA LYS B 224 -24.34 7.48 16.89
C LYS B 224 -23.43 6.44 16.25
N SER B 225 -23.86 5.18 16.24
CA SER B 225 -22.99 4.09 15.77
C SER B 225 -22.67 4.25 14.30
N LEU B 226 -21.38 4.16 13.97
CA LEU B 226 -20.93 4.01 12.58
C LEU B 226 -20.96 2.51 12.34
N LEU B 227 -20.86 2.15 11.06
CA LEU B 227 -20.83 0.76 10.59
C LEU B 227 -22.28 0.23 10.51
N THR B 228 -23.11 1.06 9.86
CA THR B 228 -24.53 0.84 9.63
C THR B 228 -24.98 1.65 8.40
N GLY B 229 -25.97 1.10 7.70
CA GLY B 229 -26.58 1.74 6.53
C GLY B 229 -25.62 2.03 5.38
N ASP B 230 -25.57 3.30 4.97
CA ASP B 230 -24.81 3.73 3.79
C ASP B 230 -23.38 4.21 4.10
N TYR B 231 -22.80 3.83 5.25
CA TYR B 231 -21.54 4.43 5.69
C TYR B 231 -20.30 3.91 4.92
N ILE B 232 -19.40 4.83 4.57
CA ILE B 232 -18.08 4.50 4.01
C ILE B 232 -17.07 4.92 5.09
N PRO B 233 -16.33 3.95 5.67
CA PRO B 233 -15.37 4.29 6.75
C PRO B 233 -14.08 4.99 6.31
N GLY B 234 -13.40 5.62 7.26
CA GLY B 234 -12.16 6.34 6.98
C GLY B 234 -10.95 5.43 6.85
N THR B 235 -9.77 6.04 6.80
CA THR B 235 -8.49 5.35 6.68
C THR B 235 -8.25 4.51 7.92
N GLU B 236 -8.00 3.24 7.73
CA GLU B 236 -7.92 2.28 8.84
C GLU B 236 -6.81 2.56 9.83
N THR B 237 -5.65 2.98 9.35
CA THR B 237 -4.53 3.30 10.23
C THR B 237 -4.85 4.42 11.18
N HIS B 238 -5.79 5.30 10.82
CA HIS B 238 -6.18 6.42 11.66
C HIS B 238 -7.49 6.20 12.44
N MET B 239 -8.06 5.01 12.39
CA MET B 239 -9.32 4.75 13.11
C MET B 239 -9.18 4.64 14.62
N ALA B 240 -9.99 5.39 15.33
CA ALA B 240 -10.08 5.26 16.79
C ALA B 240 -10.61 3.85 17.21
N PRO B 241 -10.28 3.38 18.41
CA PRO B 241 -10.66 2.04 18.82
C PRO B 241 -12.15 1.78 18.85
N GLU B 242 -12.90 2.79 19.25
CA GLU B 242 -14.35 2.70 19.31
C GLU B 242 -15.02 2.56 17.91
N VAL B 243 -14.35 3.06 16.87
CA VAL B 243 -14.80 2.89 15.48
C VAL B 243 -14.70 1.42 15.15
N VAL B 244 -13.52 0.84 15.37
CA VAL B 244 -13.27 -0.56 15.01
C VAL B 244 -14.01 -1.55 15.90
N MET B 245 -14.31 -1.17 17.15
CA MET B 245 -15.08 -2.01 18.06
C MET B 245 -16.59 -1.86 17.87
N GLY B 246 -17.04 -1.02 16.93
CA GLY B 246 -18.48 -0.90 16.62
C GLY B 246 -19.30 -0.07 17.59
N LYS B 247 -18.62 0.62 18.51
CA LYS B 247 -19.25 1.40 19.52
C LYS B 247 -19.78 2.72 18.96
N PRO B 248 -20.70 3.38 19.69
CA PRO B 248 -21.19 4.68 19.24
C PRO B 248 -20.03 5.69 19.18
N CYS B 249 -20.03 6.51 18.14
CA CYS B 249 -18.90 7.38 17.85
C CYS B 249 -19.34 8.81 17.91
N ASP B 250 -18.49 9.66 18.49
CA ASP B 250 -18.77 11.07 18.59
C ASP B 250 -17.57 11.83 18.02
N ALA B 251 -17.57 13.15 18.17
CA ALA B 251 -16.46 14.00 17.67
C ALA B 251 -15.07 13.56 18.05
N LYS B 252 -14.95 12.80 19.14
CA LYS B 252 -13.65 12.32 19.59
C LYS B 252 -12.90 11.44 18.57
N VAL B 253 -13.62 10.75 17.68
CA VAL B 253 -12.93 9.92 16.66
C VAL B 253 -11.98 10.75 15.78
N ASP B 254 -12.37 11.99 15.51
CA ASP B 254 -11.55 12.93 14.71
C ASP B 254 -10.29 13.36 15.43
N ILE B 255 -10.32 13.35 16.77
CA ILE B 255 -9.18 13.79 17.57
C ILE B 255 -8.13 12.67 17.52
N TRP B 256 -8.54 11.43 17.69
CA TRP B 256 -7.64 10.31 17.50
C TRP B 256 -7.00 10.32 16.11
N SER B 257 -7.82 10.44 15.08
CA SER B 257 -7.30 10.57 13.72
C SER B 257 -6.27 11.70 13.57
N SER B 258 -6.52 12.84 14.19
CA SER B 258 -5.64 13.98 14.02
C SER B 258 -4.30 13.72 14.69
N CYS B 259 -4.28 12.94 15.77
CA CYS B 259 -3.02 12.58 16.41
C CYS B 259 -2.26 11.50 15.66
N CYS B 260 -2.98 10.59 15.01
CA CYS B 260 -2.36 9.67 14.05
C CYS B 260 -1.72 10.47 12.90
N MET B 261 -2.44 11.47 12.39
CA MET B 261 -1.88 12.41 11.43
C MET B 261 -0.59 13.09 11.96
N MET B 262 -0.60 13.51 13.21
CA MET B 262 0.57 14.11 13.82
C MET B 262 1.76 13.13 13.83
N LEU B 263 1.52 11.87 14.18
CA LEU B 263 2.59 10.87 14.13
C LEU B 263 3.14 10.71 12.71
N HIS B 264 2.24 10.77 11.72
CA HIS B 264 2.60 10.67 10.33
C HIS B 264 3.52 11.85 9.93
N MET B 265 3.20 13.05 10.43
CA MET B 265 4.01 14.22 10.11
C MET B 265 5.40 14.08 10.66
N LEU B 266 5.50 13.58 11.88
CA LEU B 266 6.79 13.47 12.59
C LEU B 266 7.66 12.30 12.09
N ASN B 267 7.05 11.14 11.93
CA ASN B 267 7.77 9.91 11.51
C ASN B 267 7.91 9.68 9.99
N GLY B 268 7.06 10.33 9.21
CA GLY B 268 7.03 10.12 7.77
C GLY B 268 6.28 8.87 7.33
N CYS B 269 5.57 8.21 8.25
CA CYS B 269 4.75 7.05 7.91
C CYS B 269 3.60 6.91 8.90
N HIS B 270 2.55 6.25 8.45
CA HIS B 270 1.35 6.02 9.27
C HIS B 270 1.71 5.22 10.52
N PRO B 271 1.00 5.45 11.62
CA PRO B 271 1.08 4.46 12.70
C PRO B 271 0.65 3.06 12.26
N TRP B 272 1.09 2.05 13.00
CA TRP B 272 0.81 0.64 12.72
C TRP B 272 1.42 0.17 11.40
N THR B 273 2.51 0.81 10.96
CA THR B 273 3.26 0.35 9.79
C THR B 273 4.33 -0.58 10.31
N GLN B 274 3.97 -1.85 10.37
CA GLN B 274 4.88 -2.90 10.79
C GLN B 274 4.27 -4.20 10.32
N TYR B 275 5.05 -5.27 10.30
CA TYR B 275 4.52 -6.55 9.88
C TYR B 275 3.66 -7.19 10.96
N PHE B 276 2.53 -7.72 10.53
CA PHE B 276 1.68 -8.60 11.34
C PHE B 276 0.70 -9.24 10.37
N ARG B 277 0.27 -10.44 10.68
CA ARG B 277 -0.89 -11.00 10.01
C ARG B 277 -2.09 -10.85 10.93
N GLY B 278 -3.26 -11.05 10.36
CA GLY B 278 -4.49 -10.65 10.98
C GLY B 278 -4.79 -9.21 10.59
N PRO B 279 -6.08 -8.87 10.55
CA PRO B 279 -6.48 -7.52 10.19
C PRO B 279 -6.05 -6.47 11.21
N LEU B 280 -5.79 -5.27 10.72
CA LEU B 280 -5.34 -4.18 11.56
C LEU B 280 -6.39 -3.72 12.59
N CYS B 281 -7.67 -3.92 12.30
CA CYS B 281 -8.73 -3.47 13.19
C CYS B 281 -8.67 -4.17 14.56
N LEU B 282 -8.35 -5.46 14.56
CA LEU B 282 -8.15 -6.18 15.83
C LEU B 282 -6.95 -5.68 16.64
N LYS B 283 -5.86 -5.31 15.97
CA LYS B 283 -4.69 -4.72 16.67
C LYS B 283 -5.03 -3.38 17.32
N ILE B 284 -5.73 -2.50 16.61
CA ILE B 284 -6.14 -1.23 17.20
C ILE B 284 -7.04 -1.46 18.42
N ALA B 285 -7.94 -2.44 18.35
CA ALA B 285 -8.87 -2.72 19.45
C ALA B 285 -8.17 -3.20 20.72
N SER B 286 -7.22 -4.12 20.60
CA SER B 286 -6.63 -4.78 21.77
C SER B 286 -5.26 -4.22 22.23
N GLU B 287 -4.49 -3.62 21.35
CA GLU B 287 -3.16 -3.13 21.74
C GLU B 287 -3.25 -1.77 22.42
N PRO B 288 -2.19 -1.34 23.13
CA PRO B 288 -2.11 0.04 23.59
C PRO B 288 -2.18 1.03 22.45
N PRO B 289 -2.57 2.27 22.73
CA PRO B 289 -2.53 3.25 21.66
C PRO B 289 -1.10 3.44 21.20
N PRO B 290 -0.89 3.93 19.98
CA PRO B 290 0.45 3.94 19.37
C PRO B 290 1.40 5.07 19.85
N ILE B 291 1.37 5.38 21.15
CA ILE B 291 2.21 6.43 21.74
C ILE B 291 3.70 6.09 21.79
N ARG B 292 4.06 4.79 21.72
CA ARG B 292 5.45 4.37 21.52
C ARG B 292 6.09 4.96 20.24
N GLU B 293 5.26 5.31 19.26
CA GLU B 293 5.74 5.86 18.00
C GLU B 293 6.06 7.35 18.07
N ILE B 294 5.82 7.97 19.23
CA ILE B 294 6.23 9.35 19.44
C ILE B 294 7.76 9.38 19.44
N PRO B 295 8.36 10.30 18.65
CA PRO B 295 9.82 10.44 18.68
C PRO B 295 10.34 10.83 20.07
N PRO B 296 11.40 10.17 20.55
CA PRO B 296 12.00 10.58 21.82
C PRO B 296 12.57 12.02 21.84
N SER B 297 13.02 12.51 20.69
CA SER B 297 13.52 13.89 20.57
C SER B 297 12.43 14.99 20.67
N CYS B 298 11.14 14.64 20.61
CA CYS B 298 10.06 15.64 20.82
C CYS B 298 10.03 16.14 22.25
N ALA B 299 9.55 17.36 22.41
CA ALA B 299 9.52 18.01 23.72
C ALA B 299 8.43 17.35 24.58
N PRO B 300 8.49 17.51 25.93
CA PRO B 300 7.49 16.87 26.81
C PRO B 300 6.05 17.30 26.55
N LEU B 301 5.79 18.60 26.32
CA LEU B 301 4.43 19.08 26.00
C LEU B 301 3.86 18.55 24.70
N THR B 302 4.73 18.36 23.70
CA THR B 302 4.33 17.73 22.46
C THR B 302 3.91 16.28 22.69
N ALA B 303 4.73 15.52 23.39
CA ALA B 303 4.45 14.12 23.66
C ALA B 303 3.17 13.97 24.47
N GLN B 304 3.00 14.85 25.47
CA GLN B 304 1.80 14.89 26.28
C GLN B 304 0.54 15.21 25.50
N ALA B 305 0.64 16.14 24.54
CA ALA B 305 -0.51 16.52 23.71
C ALA B 305 -0.95 15.35 22.87
N ILE B 306 0.01 14.70 22.22
CA ILE B 306 -0.28 13.52 21.41
C ILE B 306 -0.90 12.42 22.27
N GLN B 307 -0.34 12.19 23.45
CA GLN B 307 -0.90 11.19 24.35
C GLN B 307 -2.36 11.43 24.70
N GLU B 308 -2.72 12.69 24.91
CA GLU B 308 -4.09 13.05 25.28
C GLU B 308 -5.09 12.95 24.12
N GLY B 309 -4.59 13.06 22.90
CA GLY B 309 -5.37 12.73 21.72
C GLY B 309 -5.46 11.24 21.43
N LEU B 310 -4.58 10.42 22.01
CA LEU B 310 -4.60 8.98 21.79
C LEU B 310 -5.05 8.19 23.02
N ARG B 311 -5.90 8.77 23.86
CA ARG B 311 -6.53 8.01 24.93
C ARG B 311 -7.53 7.00 24.30
N LYS B 312 -7.45 5.75 24.69
CA LYS B 312 -8.36 4.75 24.15
C LYS B 312 -9.85 5.01 24.48
N GLU B 313 -10.15 5.46 25.70
CA GLU B 313 -11.53 5.78 26.08
C GLU B 313 -11.83 7.21 25.63
N PRO B 314 -12.83 7.39 24.77
CA PRO B 314 -13.18 8.73 24.26
C PRO B 314 -13.43 9.78 25.35
N VAL B 315 -14.01 9.36 26.46
CA VAL B 315 -14.30 10.26 27.57
C VAL B 315 -13.02 10.86 28.19
N HIS B 316 -11.92 10.11 28.14
CA HIS B 316 -10.61 10.60 28.58
C HIS B 316 -9.85 11.35 27.51
N ARG B 317 -10.21 11.17 26.25
CA ARG B 317 -9.51 11.86 25.14
C ARG B 317 -9.87 13.34 25.07
N ALA B 318 -8.91 14.15 24.63
CA ALA B 318 -9.11 15.59 24.52
C ALA B 318 -10.16 15.90 23.47
N SER B 319 -10.96 16.94 23.68
CA SER B 319 -11.73 17.56 22.58
C SER B 319 -10.83 18.40 21.65
N ALA B 320 -11.41 18.91 20.57
CA ALA B 320 -10.68 19.76 19.64
C ALA B 320 -10.19 21.02 20.32
N MET B 321 -11.10 21.70 21.03
CA MET B 321 -10.75 22.91 21.77
C MET B 321 -9.66 22.67 22.82
N GLU B 322 -9.79 21.57 23.54
CA GLU B 322 -8.85 21.19 24.59
C GLU B 322 -7.49 20.92 23.98
N LEU B 323 -7.45 20.14 22.92
CA LEU B 323 -6.19 19.76 22.31
C LEU B 323 -5.54 20.94 21.59
N ARG B 324 -6.31 21.79 20.94
CA ARG B 324 -5.77 22.99 20.32
C ARG B 324 -5.03 23.87 21.33
N ARG B 325 -5.57 24.00 22.54
CA ARG B 325 -4.89 24.77 23.57
C ARG B 325 -3.57 24.13 23.97
N LYS B 326 -3.53 22.81 24.14
CA LYS B 326 -2.27 22.12 24.44
C LYS B 326 -1.26 22.27 23.31
N VAL B 327 -1.70 22.10 22.08
CA VAL B 327 -0.84 22.19 20.92
C VAL B 327 -0.21 23.56 20.78
N GLY B 328 -1.00 24.62 21.03
CA GLY B 328 -0.50 25.99 21.03
C GLY B 328 0.57 26.23 22.09
N LYS B 329 0.32 25.72 23.30
CA LYS B 329 1.28 25.78 24.41
C LYS B 329 2.57 25.07 24.00
N ALA B 330 2.43 23.86 23.44
CA ALA B 330 3.60 23.07 23.01
C ALA B 330 4.42 23.75 21.92
N LEU B 331 3.74 24.40 20.98
CA LEU B 331 4.43 25.15 19.93
C LEU B 331 5.22 26.33 20.50
N GLN B 332 4.57 27.13 21.35
CA GLN B 332 5.24 28.28 22.00
C GLN B 332 6.43 27.85 22.88
N GLU B 333 6.31 26.68 23.50
CA GLU B 333 7.40 26.05 24.24
C GLU B 333 8.63 25.71 23.38
N VAL B 334 8.46 25.21 22.15
CA VAL B 334 9.62 24.94 21.26
C VAL B 334 10.13 26.18 20.51
N GLY B 335 9.61 27.37 20.81
CA GLY B 335 10.10 28.62 20.21
C GLY B 335 9.25 29.15 19.07
N GLY B 336 8.06 28.58 18.87
CA GLY B 336 7.15 28.96 17.80
C GLY B 336 7.53 28.33 16.46
N LEU B 337 6.79 28.69 15.42
CA LEU B 337 7.12 28.29 14.04
C LEU B 337 8.37 29.01 13.54
N LYS B 338 9.50 28.32 13.51
CA LYS B 338 10.77 28.84 12.97
C LYS B 338 11.24 28.15 11.69
N SER B 339 10.83 26.90 11.49
CA SER B 339 11.35 26.09 10.38
C SER B 339 10.87 26.55 9.00
N PRO B 340 11.77 26.50 7.99
CA PRO B 340 11.34 26.99 6.67
C PRO B 340 10.24 26.11 6.10
N TRP B 341 9.45 26.65 5.18
CA TRP B 341 8.29 25.88 4.70
C TRP B 341 8.73 24.55 4.09
N LYS B 342 9.72 24.62 3.21
CA LYS B 342 10.32 23.45 2.63
C LYS B 342 11.84 23.48 2.80
N GLY B 343 12.61 23.56 1.73
CA GLY B 343 14.05 23.35 1.80
C GLY B 343 14.43 21.90 2.07
N GLU B 344 14.81 21.60 3.31
CA GLU B 344 15.64 20.41 3.59
C GLU B 344 14.85 19.13 3.77
N TYR B 345 15.06 18.16 2.87
CA TYR B 345 14.60 16.78 3.05
C TYR B 345 15.16 16.16 4.36
N LYS B 346 14.30 15.42 5.05
CA LYS B 346 14.63 14.81 6.35
C LYS B 346 14.24 13.35 6.23
N GLU B 347 15.16 12.43 6.52
CA GLU B 347 14.88 11.00 6.36
C GLU B 347 13.77 10.54 7.32
N PRO B 348 12.80 9.76 6.82
CA PRO B 348 11.82 9.15 7.74
C PRO B 348 12.45 8.12 8.68
N ARG B 349 11.70 7.75 9.71
CA ARG B 349 12.15 6.81 10.74
C ARG B 349 12.37 5.41 10.15
#